data_2LG4
#
_entry.id   2LG4
#
_entity_poly.entity_id   1
_entity_poly.type   'polypeptide(L)'
_entity_poly.pdbx_seq_one_letter_code
;AACSDRAHGHICESFKSFCKDSGRNGVKLRANCKKTCGLC
;
_entity_poly.pdbx_strand_id   A
#
# COMPACT_ATOMS: atom_id res chain seq x y z
N ALA A 1 4.03 3.34 15.71
CA ALA A 1 3.35 2.96 14.49
C ALA A 1 4.13 1.87 13.75
N ALA A 2 3.69 0.62 13.89
CA ALA A 2 4.35 -0.51 13.24
C ALA A 2 4.06 -0.50 11.74
N CYS A 3 4.90 -1.23 10.99
CA CYS A 3 4.74 -1.32 9.55
C CYS A 3 4.22 -2.69 9.14
N SER A 4 3.19 -2.71 8.30
CA SER A 4 2.60 -3.96 7.83
C SER A 4 1.43 -3.70 6.89
N ASP A 5 0.78 -4.76 6.45
CA ASP A 5 -0.35 -4.64 5.54
C ASP A 5 -1.67 -4.79 6.30
N ARG A 6 -2.59 -3.85 6.06
CA ARG A 6 -3.88 -3.87 6.72
C ARG A 6 -5.00 -4.09 5.71
N ALA A 7 -4.75 -3.74 4.45
CA ALA A 7 -5.73 -3.90 3.40
C ALA A 7 -6.27 -5.33 3.37
N HIS A 8 -7.27 -5.57 2.53
CA HIS A 8 -7.87 -6.89 2.39
C HIS A 8 -6.81 -7.94 2.09
N GLY A 9 -5.71 -7.51 1.48
CA GLY A 9 -4.63 -8.43 1.15
C GLY A 9 -4.34 -8.46 -0.34
N HIS A 10 -5.37 -8.73 -1.14
CA HIS A 10 -5.21 -8.79 -2.58
C HIS A 10 -5.20 -7.39 -3.19
N ILE A 11 -5.37 -6.38 -2.34
CA ILE A 11 -5.38 -4.99 -2.80
C ILE A 11 -3.95 -4.47 -2.97
N CYS A 12 -3.09 -4.82 -2.04
CA CYS A 12 -1.70 -4.39 -2.09
C CYS A 12 -0.96 -5.02 -3.27
N GLU A 13 -1.14 -6.33 -3.42
CA GLU A 13 -0.50 -7.06 -4.50
C GLU A 13 -1.06 -6.63 -5.86
N SER A 14 -2.38 -6.61 -5.98
CA SER A 14 -3.03 -6.22 -7.21
C SER A 14 -2.65 -4.80 -7.61
N PHE A 15 -2.28 -4.00 -6.61
CA PHE A 15 -1.88 -2.62 -6.85
C PHE A 15 -0.49 -2.33 -6.27
N LYS A 16 0.40 -3.31 -6.40
CA LYS A 16 1.76 -3.17 -5.89
C LYS A 16 2.53 -2.13 -6.69
N SER A 17 2.41 -2.19 -8.01
CA SER A 17 3.10 -1.25 -8.90
C SER A 17 2.41 0.11 -8.89
N PHE A 18 1.28 0.19 -8.19
CA PHE A 18 0.53 1.43 -8.10
C PHE A 18 0.91 2.22 -6.84
N CYS A 19 1.76 1.62 -6.02
CA CYS A 19 2.22 2.26 -4.79
C CYS A 19 2.91 3.58 -5.08
N LYS A 20 3.43 3.72 -6.30
CA LYS A 20 4.12 4.93 -6.71
C LYS A 20 3.17 5.87 -7.46
N ASP A 21 1.87 5.68 -7.24
CA ASP A 21 0.86 6.51 -7.89
C ASP A 21 0.69 7.84 -7.16
N SER A 22 0.70 8.92 -7.92
CA SER A 22 0.55 10.26 -7.35
C SER A 22 -0.91 10.57 -7.05
N GLY A 23 -1.78 9.62 -7.37
CA GLY A 23 -3.20 9.81 -7.13
C GLY A 23 -3.67 9.18 -5.83
N ARG A 24 -4.97 9.24 -5.58
CA ARG A 24 -5.54 8.67 -4.36
C ARG A 24 -5.16 7.20 -4.23
N ASN A 25 -5.21 6.48 -5.35
CA ASN A 25 -4.87 5.05 -5.35
C ASN A 25 -3.53 4.81 -4.68
N GLY A 26 -2.57 5.68 -4.95
CA GLY A 26 -1.25 5.54 -4.36
C GLY A 26 -1.25 5.81 -2.87
N VAL A 27 -1.90 6.90 -2.47
CA VAL A 27 -1.97 7.28 -1.05
C VAL A 27 -2.60 6.16 -0.23
N LYS A 28 -3.71 5.62 -0.71
CA LYS A 28 -4.40 4.54 -0.01
C LYS A 28 -3.54 3.28 0.04
N LEU A 29 -2.69 3.12 -0.97
CA LEU A 29 -1.80 1.96 -1.03
C LEU A 29 -0.75 2.01 0.06
N ARG A 30 -0.12 3.18 0.21
CA ARG A 30 0.91 3.37 1.22
C ARG A 30 0.32 3.34 2.62
N ALA A 31 -1.00 3.51 2.71
CA ALA A 31 -1.69 3.50 3.99
C ALA A 31 -2.17 2.10 4.34
N ASN A 32 -2.91 1.48 3.43
CA ASN A 32 -3.43 0.13 3.65
C ASN A 32 -2.35 -0.91 3.43
N CYS A 33 -1.23 -0.48 2.84
CA CYS A 33 -0.11 -1.39 2.58
C CYS A 33 1.22 -0.70 2.85
N LYS A 34 1.42 -0.28 4.10
CA LYS A 34 2.66 0.39 4.49
C LYS A 34 3.86 -0.51 4.26
N LYS A 35 3.62 -1.81 4.14
CA LYS A 35 4.69 -2.77 3.91
C LYS A 35 4.87 -3.02 2.41
N THR A 36 3.80 -3.44 1.74
CA THR A 36 3.84 -3.72 0.32
C THR A 36 4.45 -2.55 -0.45
N CYS A 37 4.26 -1.34 0.08
CA CYS A 37 4.80 -0.13 -0.56
C CYS A 37 6.22 0.14 -0.10
N GLY A 38 6.53 -0.27 1.13
CA GLY A 38 7.86 -0.06 1.66
C GLY A 38 7.96 1.23 2.47
N LEU A 39 7.49 1.18 3.70
CA LEU A 39 7.54 2.35 4.58
C LEU A 39 8.05 1.98 5.97
N CYS A 40 8.50 0.74 6.12
CA CYS A 40 9.01 0.25 7.39
C CYS A 40 10.35 0.92 7.71
N ALA A 1 5.26 2.48 16.04
CA ALA A 1 4.78 2.65 14.68
C ALA A 1 4.77 1.31 13.94
N ALA A 2 3.77 0.48 14.24
CA ALA A 2 3.64 -0.82 13.61
C ALA A 2 3.43 -0.68 12.10
N CYS A 3 4.44 -1.05 11.33
CA CYS A 3 4.36 -0.97 9.87
C CYS A 3 4.11 -2.34 9.26
N SER A 4 3.03 -2.45 8.49
CA SER A 4 2.67 -3.70 7.84
C SER A 4 1.46 -3.52 6.92
N ASP A 5 0.91 -4.63 6.45
CA ASP A 5 -0.25 -4.59 5.57
C ASP A 5 -1.54 -4.75 6.36
N ARG A 6 -2.52 -3.90 6.07
CA ARG A 6 -3.80 -3.95 6.75
C ARG A 6 -4.94 -4.24 5.76
N ALA A 7 -4.73 -3.87 4.51
CA ALA A 7 -5.73 -4.09 3.47
C ALA A 7 -6.18 -5.54 3.46
N HIS A 8 -7.22 -5.82 2.67
CA HIS A 8 -7.76 -7.17 2.56
C HIS A 8 -6.66 -8.18 2.25
N GLY A 9 -5.62 -7.70 1.56
CA GLY A 9 -4.51 -8.57 1.20
C GLY A 9 -4.18 -8.52 -0.28
N HIS A 10 -5.09 -9.04 -1.09
CA HIS A 10 -4.90 -9.05 -2.55
C HIS A 10 -4.98 -7.64 -3.12
N ILE A 11 -5.46 -6.70 -2.30
CA ILE A 11 -5.59 -5.32 -2.73
C ILE A 11 -4.24 -4.68 -2.95
N CYS A 12 -3.30 -4.95 -2.04
CA CYS A 12 -1.96 -4.39 -2.12
C CYS A 12 -1.19 -5.02 -3.29
N GLU A 13 -1.31 -6.33 -3.42
CA GLU A 13 -0.62 -7.05 -4.49
C GLU A 13 -1.23 -6.71 -5.86
N SER A 14 -2.56 -6.69 -5.91
CA SER A 14 -3.26 -6.37 -7.16
C SER A 14 -2.84 -5.01 -7.68
N PHE A 15 -2.60 -4.06 -6.78
CA PHE A 15 -2.20 -2.72 -7.15
C PHE A 15 -0.90 -2.33 -6.44
N LYS A 16 0.05 -3.25 -6.40
CA LYS A 16 1.34 -3.01 -5.76
C LYS A 16 2.18 -2.04 -6.58
N SER A 17 2.03 -2.12 -7.91
CA SER A 17 2.78 -1.26 -8.81
C SER A 17 2.21 0.17 -8.81
N PHE A 18 1.07 0.33 -8.16
CA PHE A 18 0.41 1.64 -8.09
C PHE A 18 0.73 2.33 -6.77
N CYS A 19 1.62 1.73 -5.99
CA CYS A 19 2.01 2.29 -4.70
C CYS A 19 2.62 3.67 -4.86
N LYS A 20 3.37 3.86 -5.94
CA LYS A 20 4.01 5.15 -6.22
C LYS A 20 3.15 6.00 -7.14
N ASP A 21 1.86 5.68 -7.19
CA ASP A 21 0.93 6.41 -8.04
C ASP A 21 0.64 7.79 -7.46
N SER A 22 0.75 8.81 -8.31
CA SER A 22 0.51 10.19 -7.87
C SER A 22 -0.99 10.49 -7.83
N GLY A 23 -1.73 9.68 -7.07
CA GLY A 23 -3.16 9.87 -6.96
C GLY A 23 -3.74 9.22 -5.73
N ARG A 24 -5.06 9.28 -5.59
CA ARG A 24 -5.74 8.69 -4.45
C ARG A 24 -5.35 7.22 -4.28
N ASN A 25 -5.40 6.48 -5.39
CA ASN A 25 -5.06 5.06 -5.38
C ASN A 25 -3.70 4.84 -4.71
N GLY A 26 -2.74 5.71 -5.01
CA GLY A 26 -1.42 5.59 -4.44
C GLY A 26 -1.41 5.84 -2.94
N VAL A 27 -2.03 6.94 -2.52
CA VAL A 27 -2.08 7.29 -1.11
C VAL A 27 -2.77 6.19 -0.30
N LYS A 28 -3.90 5.71 -0.80
CA LYS A 28 -4.64 4.65 -0.12
C LYS A 28 -3.85 3.36 -0.09
N LEU A 29 -2.94 3.21 -1.04
CA LEU A 29 -2.10 2.02 -1.12
C LEU A 29 -1.02 2.02 -0.04
N ARG A 30 -0.35 3.16 0.11
CA ARG A 30 0.69 3.31 1.11
C ARG A 30 0.12 3.26 2.52
N ALA A 31 -1.20 3.45 2.63
CA ALA A 31 -1.87 3.43 3.91
C ALA A 31 -2.32 2.01 4.27
N ASN A 32 -3.10 1.41 3.39
CA ASN A 32 -3.61 0.05 3.60
C ASN A 32 -2.51 -0.98 3.33
N CYS A 33 -1.42 -0.53 2.73
CA CYS A 33 -0.30 -1.41 2.41
C CYS A 33 1.04 -0.73 2.70
N LYS A 34 1.25 -0.37 3.96
CA LYS A 34 2.48 0.28 4.37
C LYS A 34 3.69 -0.61 4.09
N LYS A 35 3.44 -1.91 3.93
CA LYS A 35 4.50 -2.87 3.66
C LYS A 35 4.69 -3.07 2.16
N THR A 36 3.61 -3.43 1.48
CA THR A 36 3.64 -3.65 0.04
C THR A 36 4.30 -2.48 -0.69
N CYS A 37 4.17 -1.29 -0.10
CA CYS A 37 4.76 -0.09 -0.69
C CYS A 37 6.14 0.18 -0.12
N GLY A 38 6.36 -0.28 1.12
CA GLY A 38 7.65 -0.07 1.77
C GLY A 38 7.76 1.28 2.43
N LEU A 39 7.27 1.38 3.66
CA LEU A 39 7.31 2.63 4.41
C LEU A 39 7.93 2.43 5.78
N CYS A 40 8.30 1.20 6.08
CA CYS A 40 8.91 0.86 7.36
C CYS A 40 10.32 1.45 7.47
N ALA A 1 2.59 3.94 15.09
CA ALA A 1 2.11 2.61 14.77
C ALA A 1 3.15 1.82 14.00
N ALA A 2 3.09 0.50 14.10
CA ALA A 2 4.03 -0.37 13.41
C ALA A 2 3.86 -0.28 11.90
N CYS A 3 4.61 -1.08 11.17
CA CYS A 3 4.55 -1.09 9.70
C CYS A 3 4.19 -2.47 9.19
N SER A 4 3.15 -2.54 8.35
CA SER A 4 2.71 -3.81 7.79
C SER A 4 1.50 -3.59 6.88
N ASP A 5 0.95 -4.70 6.37
CA ASP A 5 -0.21 -4.64 5.50
C ASP A 5 -1.50 -4.78 6.30
N ARG A 6 -2.46 -3.89 6.05
CA ARG A 6 -3.73 -3.91 6.74
C ARG A 6 -4.88 -4.16 5.77
N ALA A 7 -4.66 -3.80 4.51
CA ALA A 7 -5.68 -3.98 3.47
C ALA A 7 -6.18 -5.42 3.44
N HIS A 8 -7.20 -5.66 2.63
CA HIS A 8 -7.78 -7.00 2.52
C HIS A 8 -6.70 -8.03 2.20
N GLY A 9 -5.64 -7.58 1.55
CA GLY A 9 -4.55 -8.47 1.19
C GLY A 9 -4.24 -8.45 -0.29
N HIS A 10 -5.18 -8.92 -1.10
CA HIS A 10 -5.01 -8.95 -2.56
C HIS A 10 -5.02 -7.54 -3.13
N ILE A 11 -5.49 -6.58 -2.33
CA ILE A 11 -5.57 -5.19 -2.76
C ILE A 11 -4.18 -4.60 -2.97
N CYS A 12 -3.27 -4.93 -2.06
CA CYS A 12 -1.90 -4.44 -2.15
C CYS A 12 -1.17 -5.04 -3.34
N GLU A 13 -1.29 -6.35 -3.49
CA GLU A 13 -0.64 -7.06 -4.59
C GLU A 13 -1.27 -6.68 -5.93
N SER A 14 -2.60 -6.64 -5.95
CA SER A 14 -3.34 -6.29 -7.17
C SER A 14 -2.86 -4.94 -7.72
N PHE A 15 -2.59 -4.00 -6.82
CA PHE A 15 -2.13 -2.68 -7.22
C PHE A 15 -0.84 -2.32 -6.51
N LYS A 16 0.10 -3.26 -6.47
CA LYS A 16 1.38 -3.04 -5.82
C LYS A 16 2.26 -2.09 -6.63
N SER A 17 2.11 -2.15 -7.96
CA SER A 17 2.88 -1.31 -8.84
C SER A 17 2.35 0.13 -8.83
N PHE A 18 1.21 0.31 -8.18
CA PHE A 18 0.59 1.64 -8.09
C PHE A 18 0.89 2.29 -6.74
N CYS A 19 1.83 1.71 -6.01
CA CYS A 19 2.21 2.22 -4.71
C CYS A 19 2.86 3.61 -4.83
N LYS A 20 3.34 3.92 -6.02
CA LYS A 20 3.97 5.20 -6.28
C LYS A 20 3.04 6.12 -7.06
N ASP A 21 1.74 5.87 -6.95
CA ASP A 21 0.75 6.68 -7.66
C ASP A 21 0.48 7.98 -6.92
N SER A 22 0.33 9.06 -7.67
CA SER A 22 0.07 10.37 -7.08
C SER A 22 -1.40 10.52 -6.70
N GLY A 23 -2.25 9.69 -7.31
CA GLY A 23 -3.67 9.74 -7.03
C GLY A 23 -4.03 9.06 -5.72
N ARG A 24 -5.31 9.06 -5.38
CA ARG A 24 -5.77 8.44 -4.15
C ARG A 24 -5.35 6.98 -4.08
N ASN A 25 -5.39 6.30 -5.23
CA ASN A 25 -5.02 4.90 -5.30
C ASN A 25 -3.64 4.67 -4.68
N GLY A 26 -2.70 5.55 -4.99
CA GLY A 26 -1.36 5.43 -4.45
C GLY A 26 -1.30 5.70 -2.96
N VAL A 27 -1.94 6.79 -2.53
CA VAL A 27 -1.97 7.15 -1.12
C VAL A 27 -2.59 6.04 -0.28
N LYS A 28 -3.72 5.53 -0.72
CA LYS A 28 -4.41 4.46 -0.01
C LYS A 28 -3.56 3.18 0.02
N LEU A 29 -2.72 3.02 -1.01
CA LEU A 29 -1.86 1.85 -1.09
C LEU A 29 -0.75 1.90 -0.04
N ARG A 30 -0.10 3.05 0.08
CA ARG A 30 0.96 3.23 1.06
C ARG A 30 0.41 3.23 2.48
N ALA A 31 -0.90 3.39 2.60
CA ALA A 31 -1.56 3.41 3.90
C ALA A 31 -2.06 2.01 4.28
N ASN A 32 -2.85 1.42 3.39
CA ASN A 32 -3.41 0.08 3.63
C ASN A 32 -2.36 -0.99 3.36
N CYS A 33 -1.25 -0.59 2.75
CA CYS A 33 -0.17 -1.52 2.43
C CYS A 33 1.19 -0.87 2.66
N LYS A 34 1.45 -0.45 3.89
CA LYS A 34 2.71 0.19 4.24
C LYS A 34 3.88 -0.75 3.96
N LYS A 35 3.60 -2.03 3.86
CA LYS A 35 4.63 -3.03 3.58
C LYS A 35 4.80 -3.25 2.08
N THR A 36 3.70 -3.57 1.41
CA THR A 36 3.73 -3.80 -0.03
C THR A 36 4.40 -2.64 -0.77
N CYS A 37 4.32 -1.45 -0.17
CA CYS A 37 4.93 -0.27 -0.76
C CYS A 37 6.32 -0.02 -0.19
N GLY A 38 6.55 -0.50 1.03
CA GLY A 38 7.85 -0.32 1.66
C GLY A 38 7.98 1.03 2.33
N LEU A 39 7.50 1.13 3.56
CA LEU A 39 7.56 2.38 4.32
C LEU A 39 8.16 2.16 5.70
N CYS A 40 8.52 0.91 5.98
CA CYS A 40 9.10 0.56 7.27
C CYS A 40 10.50 1.15 7.42
N ALA A 1 1.42 3.59 14.73
CA ALA A 1 1.22 2.18 14.42
C ALA A 1 2.42 1.61 13.67
N ALA A 2 2.76 0.36 13.96
CA ALA A 2 3.88 -0.31 13.31
C ALA A 2 3.70 -0.34 11.79
N CYS A 3 4.72 -0.82 11.09
CA CYS A 3 4.68 -0.89 9.64
C CYS A 3 4.32 -2.31 9.18
N SER A 4 3.26 -2.41 8.38
CA SER A 4 2.81 -3.70 7.88
C SER A 4 1.58 -3.55 6.98
N ASP A 5 1.07 -4.66 6.49
CA ASP A 5 -0.10 -4.65 5.62
C ASP A 5 -1.38 -4.80 6.43
N ARG A 6 -2.35 -3.93 6.18
CA ARG A 6 -3.63 -3.97 6.90
C ARG A 6 -4.77 -4.24 5.93
N ALA A 7 -4.57 -3.88 4.67
CA ALA A 7 -5.60 -4.08 3.65
C ALA A 7 -6.06 -5.53 3.61
N HIS A 8 -7.03 -5.83 2.76
CA HIS A 8 -7.56 -7.18 2.63
C HIS A 8 -6.45 -8.17 2.31
N GLY A 9 -5.35 -7.66 1.75
CA GLY A 9 -4.24 -8.52 1.41
C GLY A 9 -3.97 -8.54 -0.08
N HIS A 10 -4.94 -9.03 -0.85
CA HIS A 10 -4.81 -9.11 -2.30
C HIS A 10 -4.82 -7.73 -2.92
N ILE A 11 -5.34 -6.75 -2.18
CA ILE A 11 -5.41 -5.38 -2.66
C ILE A 11 -4.02 -4.78 -2.84
N CYS A 12 -3.11 -5.14 -1.94
CA CYS A 12 -1.74 -4.63 -2.00
C CYS A 12 -1.01 -5.18 -3.22
N GLU A 13 -1.09 -6.50 -3.41
CA GLU A 13 -0.44 -7.15 -4.54
C GLU A 13 -1.13 -6.79 -5.86
N SER A 14 -2.46 -6.78 -5.83
CA SER A 14 -3.24 -6.45 -7.02
C SER A 14 -2.81 -5.09 -7.59
N PHE A 15 -2.54 -4.14 -6.71
CA PHE A 15 -2.11 -2.81 -7.13
C PHE A 15 -0.81 -2.41 -6.44
N LYS A 16 0.13 -3.35 -6.38
CA LYS A 16 1.42 -3.09 -5.76
C LYS A 16 2.26 -2.14 -6.60
N SER A 17 2.10 -2.22 -7.92
CA SER A 17 2.83 -1.36 -8.83
C SER A 17 2.30 0.07 -8.81
N PHE A 18 1.14 0.25 -8.17
CA PHE A 18 0.53 1.56 -8.06
C PHE A 18 0.83 2.19 -6.72
N CYS A 19 1.80 1.63 -6.00
CA CYS A 19 2.19 2.13 -4.69
C CYS A 19 2.84 3.51 -4.82
N LYS A 20 3.34 3.82 -6.01
CA LYS A 20 3.98 5.10 -6.26
C LYS A 20 3.06 6.03 -7.06
N ASP A 21 1.77 5.77 -6.97
CA ASP A 21 0.77 6.58 -7.68
C ASP A 21 0.51 7.89 -6.93
N SER A 22 0.34 8.97 -7.68
CA SER A 22 0.07 10.28 -7.10
C SER A 22 -1.40 10.41 -6.70
N GLY A 23 -2.25 9.60 -7.33
CA GLY A 23 -3.67 9.64 -7.04
C GLY A 23 -4.00 8.97 -5.73
N ARG A 24 -5.30 8.94 -5.39
CA ARG A 24 -5.75 8.32 -4.16
C ARG A 24 -5.34 6.86 -4.10
N ASN A 25 -5.32 6.20 -5.25
CA ASN A 25 -4.94 4.80 -5.32
C ASN A 25 -3.58 4.56 -4.69
N GLY A 26 -2.62 5.43 -5.02
CA GLY A 26 -1.29 5.31 -4.47
C GLY A 26 -1.24 5.59 -2.98
N VAL A 27 -1.84 6.71 -2.57
CA VAL A 27 -1.86 7.09 -1.16
C VAL A 27 -2.52 6.00 -0.32
N LYS A 28 -3.66 5.52 -0.77
CA LYS A 28 -4.39 4.48 -0.04
C LYS A 28 -3.58 3.19 0.00
N LEU A 29 -2.73 3.00 -0.99
CA LEU A 29 -1.90 1.80 -1.06
C LEU A 29 -0.80 1.84 -0.01
N ARG A 30 -0.10 2.97 0.09
CA ARG A 30 0.97 3.14 1.05
C ARG A 30 0.43 3.14 2.48
N ALA A 31 -0.89 3.32 2.60
CA ALA A 31 -1.54 3.34 3.91
C ALA A 31 -2.01 1.95 4.31
N ASN A 32 -2.83 1.34 3.46
CA ASN A 32 -3.36 0.01 3.73
C ASN A 32 -2.29 -1.06 3.47
N CYS A 33 -1.20 -0.65 2.83
CA CYS A 33 -0.11 -1.57 2.52
C CYS A 33 1.25 -0.89 2.70
N LYS A 34 1.55 -0.50 3.93
CA LYS A 34 2.81 0.16 4.24
C LYS A 34 4.00 -0.77 3.96
N LYS A 35 3.71 -2.06 3.91
CA LYS A 35 4.75 -3.06 3.65
C LYS A 35 4.92 -3.30 2.16
N THR A 36 3.83 -3.68 1.49
CA THR A 36 3.87 -3.94 0.06
C THR A 36 4.49 -2.78 -0.69
N CYS A 37 4.36 -1.57 -0.15
CA CYS A 37 4.91 -0.37 -0.77
C CYS A 37 6.32 -0.10 -0.25
N GLY A 38 6.59 -0.53 0.98
CA GLY A 38 7.89 -0.31 1.57
C GLY A 38 8.02 1.05 2.23
N LEU A 39 7.58 1.16 3.48
CA LEU A 39 7.64 2.41 4.21
C LEU A 39 8.25 2.19 5.60
N CYS A 40 8.65 0.96 5.88
CA CYS A 40 9.25 0.62 7.16
C CYS A 40 10.65 1.23 7.27
N ALA A 1 5.38 3.28 15.90
CA ALA A 1 4.49 3.19 14.74
C ALA A 1 4.69 1.87 14.00
N ALA A 2 3.75 0.95 14.17
CA ALA A 2 3.81 -0.35 13.52
C ALA A 2 3.68 -0.21 12.01
N CYS A 3 4.38 -1.07 11.28
CA CYS A 3 4.33 -1.05 9.83
C CYS A 3 4.03 -2.44 9.26
N SER A 4 2.97 -2.53 8.47
CA SER A 4 2.57 -3.80 7.88
C SER A 4 1.37 -3.62 6.96
N ASP A 5 0.88 -4.74 6.42
CA ASP A 5 -0.27 -4.69 5.52
C ASP A 5 -1.57 -4.85 6.30
N ARG A 6 -2.54 -3.97 6.03
CA ARG A 6 -3.82 -4.02 6.70
C ARG A 6 -4.95 -4.25 5.70
N ALA A 7 -4.71 -3.90 4.44
CA ALA A 7 -5.70 -4.08 3.40
C ALA A 7 -6.23 -5.51 3.37
N HIS A 8 -7.23 -5.76 2.54
CA HIS A 8 -7.82 -7.09 2.41
C HIS A 8 -6.75 -8.13 2.12
N GLY A 9 -5.65 -7.69 1.50
CA GLY A 9 -4.57 -8.60 1.17
C GLY A 9 -4.20 -8.54 -0.30
N HIS A 10 -5.11 -9.02 -1.15
CA HIS A 10 -4.86 -9.03 -2.59
C HIS A 10 -4.87 -7.60 -3.15
N ILE A 11 -5.38 -6.67 -2.36
CA ILE A 11 -5.45 -5.27 -2.78
C ILE A 11 -4.06 -4.68 -2.94
N CYS A 12 -3.16 -5.03 -2.03
CA CYS A 12 -1.79 -4.53 -2.08
C CYS A 12 -1.02 -5.16 -3.23
N GLU A 13 -1.14 -6.48 -3.37
CA GLU A 13 -0.45 -7.20 -4.43
C GLU A 13 -1.01 -6.82 -5.80
N SER A 14 -2.33 -6.78 -5.91
CA SER A 14 -3.00 -6.43 -7.15
C SER A 14 -2.50 -5.09 -7.67
N PHE A 15 -2.37 -4.12 -6.78
CA PHE A 15 -1.91 -2.79 -7.14
C PHE A 15 -0.63 -2.42 -6.38
N LYS A 16 0.30 -3.37 -6.33
CA LYS A 16 1.57 -3.15 -5.64
C LYS A 16 2.45 -2.17 -6.40
N SER A 17 2.39 -2.24 -7.73
CA SER A 17 3.18 -1.36 -8.58
C SER A 17 2.58 0.03 -8.64
N PHE A 18 1.41 0.20 -8.03
CA PHE A 18 0.73 1.48 -8.00
C PHE A 18 1.03 2.24 -6.71
N CYS A 19 1.89 1.65 -5.88
CA CYS A 19 2.26 2.27 -4.61
C CYS A 19 2.91 3.63 -4.83
N LYS A 20 3.54 3.80 -6.00
CA LYS A 20 4.20 5.05 -6.33
C LYS A 20 3.30 5.91 -7.22
N ASP A 21 2.00 5.62 -7.21
CA ASP A 21 1.04 6.37 -8.01
C ASP A 21 0.68 7.69 -7.33
N SER A 22 0.78 8.77 -8.09
CA SER A 22 0.48 10.10 -7.56
C SER A 22 -1.03 10.36 -7.56
N GLY A 23 -1.77 9.46 -6.91
CA GLY A 23 -3.21 9.60 -6.84
C GLY A 23 -3.81 8.93 -5.62
N ARG A 24 -5.13 9.00 -5.49
CA ARG A 24 -5.82 8.39 -4.36
C ARG A 24 -5.43 6.92 -4.21
N ASN A 25 -5.32 6.22 -5.33
CA ASN A 25 -4.95 4.82 -5.32
C ASN A 25 -3.60 4.61 -4.65
N GLY A 26 -2.66 5.52 -4.93
CA GLY A 26 -1.33 5.41 -4.35
C GLY A 26 -1.33 5.67 -2.86
N VAL A 27 -2.00 6.75 -2.44
CA VAL A 27 -2.07 7.10 -1.03
C VAL A 27 -2.69 5.97 -0.22
N LYS A 28 -3.80 5.44 -0.70
CA LYS A 28 -4.49 4.35 -0.01
C LYS A 28 -3.63 3.10 0.03
N LEU A 29 -2.74 2.96 -0.96
CA LEU A 29 -1.85 1.80 -1.04
C LEU A 29 -0.79 1.87 0.05
N ARG A 30 -0.17 3.04 0.20
CA ARG A 30 0.87 3.23 1.20
C ARG A 30 0.29 3.21 2.61
N ALA A 31 -1.04 3.33 2.69
CA ALA A 31 -1.73 3.33 3.97
C ALA A 31 -2.23 1.93 4.33
N ASN A 32 -2.99 1.34 3.42
CA ASN A 32 -3.52 -0.01 3.63
C ASN A 32 -2.46 -1.07 3.38
N CYS A 33 -1.33 -0.65 2.80
CA CYS A 33 -0.23 -1.56 2.51
C CYS A 33 1.11 -0.88 2.75
N LYS A 34 1.34 -0.49 4.00
CA LYS A 34 2.59 0.17 4.37
C LYS A 34 3.79 -0.74 4.11
N LYS A 35 3.52 -2.03 3.98
CA LYS A 35 4.57 -3.01 3.73
C LYS A 35 4.78 -3.20 2.22
N THR A 36 3.70 -3.54 1.53
CA THR A 36 3.77 -3.76 0.08
C THR A 36 4.42 -2.57 -0.62
N CYS A 37 4.31 -1.40 -0.02
CA CYS A 37 4.89 -0.19 -0.58
C CYS A 37 6.28 0.08 0.01
N GLY A 38 6.50 -0.41 1.22
CA GLY A 38 7.78 -0.22 1.87
C GLY A 38 7.88 1.13 2.56
N LEU A 39 7.38 1.21 3.78
CA LEU A 39 7.41 2.46 4.54
C LEU A 39 8.00 2.22 5.93
N CYS A 40 8.36 0.98 6.22
CA CYS A 40 8.94 0.62 7.51
C CYS A 40 10.33 1.22 7.67
N ALA A 1 2.22 2.01 16.40
CA ALA A 1 2.22 2.38 14.99
C ALA A 1 3.28 1.62 14.22
N ALA A 2 3.14 0.30 14.17
CA ALA A 2 4.09 -0.55 13.46
C ALA A 2 3.87 -0.48 11.95
N CYS A 3 4.78 -1.09 11.20
CA CYS A 3 4.69 -1.09 9.74
C CYS A 3 4.31 -2.48 9.23
N SER A 4 3.23 -2.55 8.47
CA SER A 4 2.75 -3.81 7.92
C SER A 4 1.53 -3.59 7.02
N ASP A 5 0.97 -4.69 6.52
CA ASP A 5 -0.19 -4.62 5.66
C ASP A 5 -1.48 -4.73 6.46
N ARG A 6 -2.42 -3.82 6.20
CA ARG A 6 -3.70 -3.81 6.91
C ARG A 6 -4.85 -4.02 5.94
N ALA A 7 -4.63 -3.69 4.67
CA ALA A 7 -5.65 -3.86 3.65
C ALA A 7 -6.19 -5.28 3.63
N HIS A 8 -7.20 -5.53 2.80
CA HIS A 8 -7.80 -6.84 2.68
C HIS A 8 -6.74 -7.90 2.35
N GLY A 9 -5.64 -7.46 1.74
CA GLY A 9 -4.58 -8.37 1.37
C GLY A 9 -4.36 -8.43 -0.12
N HIS A 10 -5.38 -8.83 -0.86
CA HIS A 10 -5.29 -8.94 -2.31
C HIS A 10 -5.32 -7.55 -2.96
N ILE A 11 -5.56 -6.53 -2.14
CA ILE A 11 -5.61 -5.16 -2.63
C ILE A 11 -4.21 -4.60 -2.84
N CYS A 12 -3.32 -4.90 -1.90
CA CYS A 12 -1.94 -4.43 -1.97
C CYS A 12 -1.23 -5.01 -3.19
N GLU A 13 -1.41 -6.31 -3.41
CA GLU A 13 -0.79 -6.98 -4.54
C GLU A 13 -1.47 -6.59 -5.85
N SER A 14 -2.79 -6.52 -5.83
CA SER A 14 -3.56 -6.16 -7.01
C SER A 14 -3.10 -4.81 -7.56
N PHE A 15 -2.68 -3.93 -6.67
CA PHE A 15 -2.22 -2.60 -7.06
C PHE A 15 -0.90 -2.25 -6.37
N LYS A 16 0.01 -3.22 -6.33
CA LYS A 16 1.31 -3.02 -5.70
C LYS A 16 2.17 -2.09 -6.54
N SER A 17 2.01 -2.15 -7.85
CA SER A 17 2.78 -1.31 -8.76
C SER A 17 2.27 0.13 -8.73
N PHE A 18 1.14 0.33 -8.08
CA PHE A 18 0.54 1.66 -7.98
C PHE A 18 0.88 2.31 -6.64
N CYS A 19 1.80 1.70 -5.92
CA CYS A 19 2.23 2.21 -4.62
C CYS A 19 2.90 3.57 -4.77
N LYS A 20 3.47 3.83 -5.93
CA LYS A 20 4.13 5.09 -6.21
C LYS A 20 3.28 5.99 -7.11
N ASP A 21 1.98 5.68 -7.17
CA ASP A 21 1.06 6.46 -7.99
C ASP A 21 0.70 7.77 -7.31
N SER A 22 0.78 8.86 -8.06
CA SER A 22 0.47 10.19 -7.53
C SER A 22 -1.04 10.42 -7.52
N GLY A 23 -1.76 9.52 -6.85
CA GLY A 23 -3.21 9.65 -6.77
C GLY A 23 -3.77 9.02 -5.52
N ARG A 24 -5.08 9.14 -5.33
CA ARG A 24 -5.74 8.58 -4.16
C ARG A 24 -5.40 7.10 -4.00
N ASN A 25 -5.24 6.42 -5.13
CA ASN A 25 -4.92 5.00 -5.11
C ASN A 25 -3.55 4.75 -4.50
N GLY A 26 -2.59 5.63 -4.82
CA GLY A 26 -1.25 5.49 -4.28
C GLY A 26 -1.19 5.75 -2.80
N VAL A 27 -1.80 6.85 -2.35
CA VAL A 27 -1.81 7.21 -0.94
C VAL A 27 -2.44 6.10 -0.10
N LYS A 28 -3.59 5.60 -0.55
CA LYS A 28 -4.30 4.55 0.16
C LYS A 28 -3.47 3.27 0.18
N LEU A 29 -2.63 3.08 -0.84
CA LEU A 29 -1.79 1.90 -0.94
C LEU A 29 -0.68 1.93 0.11
N ARG A 30 -0.01 3.07 0.22
CA ARG A 30 1.07 3.23 1.19
C ARG A 30 0.53 3.23 2.62
N ALA A 31 -0.79 3.42 2.75
CA ALA A 31 -1.43 3.44 4.05
C ALA A 31 -1.96 2.07 4.43
N ASN A 32 -2.76 1.48 3.54
CA ASN A 32 -3.34 0.17 3.78
C ASN A 32 -2.32 -0.93 3.51
N CYS A 33 -1.20 -0.55 2.90
CA CYS A 33 -0.14 -1.50 2.59
C CYS A 33 1.23 -0.88 2.80
N LYS A 34 1.51 -0.47 4.03
CA LYS A 34 2.78 0.15 4.36
C LYS A 34 3.95 -0.81 4.08
N LYS A 35 3.63 -2.09 3.97
CA LYS A 35 4.64 -3.11 3.70
C LYS A 35 4.80 -3.33 2.20
N THR A 36 3.69 -3.67 1.53
CA THR A 36 3.72 -3.90 0.10
C THR A 36 4.38 -2.74 -0.64
N CYS A 37 4.29 -1.54 -0.06
CA CYS A 37 4.88 -0.36 -0.66
C CYS A 37 6.30 -0.13 -0.14
N GLY A 38 6.55 -0.59 1.08
CA GLY A 38 7.86 -0.43 1.67
C GLY A 38 8.04 0.92 2.34
N LEU A 39 7.59 1.03 3.59
CA LEU A 39 7.69 2.27 4.33
C LEU A 39 8.30 2.03 5.71
N CYS A 40 8.65 0.78 5.99
CA CYS A 40 9.25 0.42 7.26
C CYS A 40 10.67 0.98 7.38
N ALA A 1 4.72 3.81 14.98
CA ALA A 1 3.54 3.16 14.42
C ALA A 1 3.93 1.87 13.70
N ALA A 2 3.22 0.78 14.02
CA ALA A 2 3.50 -0.51 13.40
C ALA A 2 3.31 -0.45 11.89
N CYS A 3 4.35 -0.88 11.16
CA CYS A 3 4.30 -0.86 9.70
C CYS A 3 4.05 -2.26 9.16
N SER A 4 2.99 -2.40 8.37
CA SER A 4 2.62 -3.68 7.78
C SER A 4 1.42 -3.54 6.86
N ASP A 5 0.95 -4.66 6.33
CA ASP A 5 -0.20 -4.66 5.42
C ASP A 5 -1.49 -4.88 6.20
N ARG A 6 -2.47 -4.01 5.97
CA ARG A 6 -3.76 -4.11 6.64
C ARG A 6 -4.88 -4.37 5.65
N ALA A 7 -4.65 -3.98 4.39
CA ALA A 7 -5.65 -4.18 3.34
C ALA A 7 -6.12 -5.62 3.30
N HIS A 8 -7.14 -5.89 2.48
CA HIS A 8 -7.69 -7.23 2.35
C HIS A 8 -6.59 -8.24 2.07
N GLY A 9 -5.49 -7.78 1.46
CA GLY A 9 -4.39 -8.66 1.15
C GLY A 9 -4.01 -8.62 -0.32
N HIS A 10 -4.89 -9.13 -1.17
CA HIS A 10 -4.65 -9.15 -2.61
C HIS A 10 -4.69 -7.74 -3.19
N ILE A 11 -5.22 -6.81 -2.41
CA ILE A 11 -5.32 -5.41 -2.84
C ILE A 11 -3.94 -4.79 -3.02
N CYS A 12 -3.04 -5.09 -2.09
CA CYS A 12 -1.68 -4.56 -2.15
C CYS A 12 -0.91 -5.17 -3.30
N GLU A 13 -0.98 -6.49 -3.41
CA GLU A 13 -0.28 -7.20 -4.49
C GLU A 13 -0.86 -6.85 -5.85
N SER A 14 -2.18 -6.87 -5.94
CA SER A 14 -2.86 -6.54 -7.20
C SER A 14 -2.37 -5.22 -7.76
N PHE A 15 -2.26 -4.22 -6.90
CA PHE A 15 -1.79 -2.90 -7.31
C PHE A 15 -0.56 -2.48 -6.51
N LYS A 16 0.41 -3.37 -6.42
CA LYS A 16 1.64 -3.10 -5.68
C LYS A 16 2.51 -2.10 -6.44
N SER A 17 2.45 -2.16 -7.76
CA SER A 17 3.24 -1.26 -8.59
C SER A 17 2.62 0.14 -8.63
N PHE A 18 1.41 0.25 -8.10
CA PHE A 18 0.71 1.53 -8.06
C PHE A 18 0.99 2.27 -6.76
N CYS A 19 1.87 1.71 -5.94
CA CYS A 19 2.22 2.30 -4.66
C CYS A 19 2.81 3.70 -4.86
N LYS A 20 3.43 3.91 -6.02
CA LYS A 20 4.03 5.20 -6.33
C LYS A 20 3.12 6.03 -7.23
N ASP A 21 1.82 5.68 -7.24
CA ASP A 21 0.85 6.40 -8.04
C ASP A 21 0.47 7.72 -7.39
N SER A 22 0.53 8.80 -8.17
CA SER A 22 0.20 10.12 -7.66
C SER A 22 -1.31 10.33 -7.64
N GLY A 23 -2.03 9.43 -6.96
CA GLY A 23 -3.47 9.54 -6.87
C GLY A 23 -4.03 8.82 -5.67
N ARG A 24 -5.36 8.84 -5.53
CA ARG A 24 -6.01 8.19 -4.40
C ARG A 24 -5.56 6.74 -4.27
N ASN A 25 -5.54 6.02 -5.38
CA ASN A 25 -5.12 4.63 -5.39
C ASN A 25 -3.76 4.46 -4.74
N GLY A 26 -2.85 5.38 -5.05
CA GLY A 26 -1.51 5.33 -4.49
C GLY A 26 -1.49 5.60 -3.00
N VAL A 27 -2.18 6.66 -2.58
CA VAL A 27 -2.25 7.03 -1.18
C VAL A 27 -2.82 5.90 -0.33
N LYS A 28 -3.93 5.33 -0.80
CA LYS A 28 -4.58 4.23 -0.09
C LYS A 28 -3.68 3.00 -0.04
N LEU A 29 -2.81 2.87 -1.05
CA LEU A 29 -1.89 1.74 -1.11
C LEU A 29 -0.82 1.84 -0.04
N ARG A 30 -0.22 3.03 0.08
CA ARG A 30 0.81 3.27 1.07
C ARG A 30 0.25 3.25 2.49
N ALA A 31 -1.08 3.33 2.58
CA ALA A 31 -1.75 3.32 3.88
C ALA A 31 -2.21 1.91 4.24
N ASN A 32 -2.97 1.28 3.36
CA ASN A 32 -3.47 -0.07 3.60
C ASN A 32 -2.38 -1.09 3.34
N CYS A 33 -1.29 -0.66 2.71
CA CYS A 33 -0.17 -1.54 2.41
C CYS A 33 1.16 -0.85 2.65
N LYS A 34 1.39 -0.43 3.89
CA LYS A 34 2.62 0.25 4.26
C LYS A 34 3.83 -0.64 4.00
N LYS A 35 3.59 -1.94 3.88
CA LYS A 35 4.66 -2.90 3.63
C LYS A 35 4.88 -3.09 2.13
N THR A 36 3.80 -3.44 1.43
CA THR A 36 3.87 -3.66 -0.02
C THR A 36 4.51 -2.46 -0.72
N CYS A 37 4.39 -1.29 -0.11
CA CYS A 37 4.96 -0.07 -0.68
C CYS A 37 6.33 0.22 -0.08
N GLY A 38 6.56 -0.28 1.13
CA GLY A 38 7.84 -0.06 1.79
C GLY A 38 7.91 1.30 2.47
N LEU A 39 7.38 1.38 3.68
CA LEU A 39 7.39 2.63 4.44
C LEU A 39 7.96 2.41 5.83
N CYS A 40 8.33 1.18 6.13
CA CYS A 40 8.89 0.84 7.43
C CYS A 40 10.28 1.46 7.61
N ALA A 1 7.69 2.75 14.51
CA ALA A 1 6.45 2.77 13.75
C ALA A 1 6.07 1.36 13.31
N ALA A 2 4.86 0.95 13.67
CA ALA A 2 4.37 -0.38 13.31
C ALA A 2 4.04 -0.46 11.82
N CYS A 3 5.00 -0.91 11.03
CA CYS A 3 4.81 -1.03 9.58
C CYS A 3 4.33 -2.43 9.21
N SER A 4 3.25 -2.50 8.45
CA SER A 4 2.69 -3.77 8.03
C SER A 4 1.50 -3.57 7.09
N ASP A 5 0.86 -4.67 6.70
CA ASP A 5 -0.30 -4.60 5.81
C ASP A 5 -1.60 -4.74 6.59
N ARG A 6 -2.55 -3.86 6.31
CA ARG A 6 -3.84 -3.89 6.99
C ARG A 6 -4.97 -4.18 6.01
N ALA A 7 -4.75 -3.86 4.74
CA ALA A 7 -5.74 -4.09 3.70
C ALA A 7 -6.19 -5.54 3.69
N HIS A 8 -7.16 -5.84 2.83
CA HIS A 8 -7.69 -7.21 2.73
C HIS A 8 -6.57 -8.21 2.45
N GLY A 9 -5.48 -7.71 1.86
CA GLY A 9 -4.36 -8.58 1.55
C GLY A 9 -4.02 -8.58 0.07
N HIS A 10 -4.92 -9.13 -0.74
CA HIS A 10 -4.72 -9.19 -2.18
C HIS A 10 -4.81 -7.80 -2.81
N ILE A 11 -5.32 -6.85 -2.04
CA ILE A 11 -5.46 -5.48 -2.52
C ILE A 11 -4.10 -4.82 -2.72
N CYS A 12 -3.21 -5.00 -1.74
CA CYS A 12 -1.87 -4.42 -1.80
C CYS A 12 -1.09 -5.02 -2.96
N GLU A 13 -1.16 -6.34 -3.12
CA GLU A 13 -0.46 -7.03 -4.18
C GLU A 13 -1.09 -6.73 -5.54
N SER A 14 -2.42 -6.74 -5.59
CA SER A 14 -3.15 -6.46 -6.82
C SER A 14 -2.77 -5.09 -7.38
N PHE A 15 -2.43 -4.17 -6.48
CA PHE A 15 -2.04 -2.82 -6.89
C PHE A 15 -0.77 -2.37 -6.18
N LYS A 16 0.19 -3.29 -6.08
CA LYS A 16 1.46 -2.99 -5.43
C LYS A 16 2.30 -2.05 -6.28
N SER A 17 2.19 -2.19 -7.60
CA SER A 17 2.94 -1.36 -8.53
C SER A 17 2.35 0.05 -8.60
N PHE A 18 1.20 0.23 -7.98
CA PHE A 18 0.52 1.53 -7.97
C PHE A 18 0.82 2.28 -6.67
N CYS A 19 1.76 1.77 -5.90
CA CYS A 19 2.14 2.40 -4.64
C CYS A 19 2.87 3.71 -4.88
N LYS A 20 3.44 3.86 -6.07
CA LYS A 20 4.17 5.08 -6.42
C LYS A 20 3.30 5.98 -7.29
N ASP A 21 2.00 5.72 -7.31
CA ASP A 21 1.07 6.52 -8.09
C ASP A 21 0.71 7.81 -7.36
N SER A 22 0.83 8.94 -8.06
CA SER A 22 0.53 10.24 -7.47
C SER A 22 -0.97 10.50 -7.47
N GLY A 23 -1.73 9.58 -6.89
CA GLY A 23 -3.18 9.73 -6.85
C GLY A 23 -3.80 9.05 -5.64
N ARG A 24 -5.12 9.12 -5.54
CA ARG A 24 -5.83 8.50 -4.42
C ARG A 24 -5.43 7.04 -4.26
N ASN A 25 -5.29 6.35 -5.38
CA ASN A 25 -4.91 4.93 -5.37
C ASN A 25 -3.57 4.74 -4.64
N GLY A 26 -2.62 5.62 -4.92
CA GLY A 26 -1.32 5.52 -4.29
C GLY A 26 -1.37 5.79 -2.81
N VAL A 27 -2.02 6.90 -2.44
CA VAL A 27 -2.15 7.27 -1.03
C VAL A 27 -2.83 6.18 -0.23
N LYS A 28 -3.94 5.66 -0.76
CA LYS A 28 -4.69 4.60 -0.09
C LYS A 28 -3.87 3.32 -0.01
N LEU A 29 -2.92 3.17 -0.93
CA LEU A 29 -2.06 1.99 -0.95
C LEU A 29 -1.02 2.05 0.16
N ARG A 30 -0.39 3.21 0.33
CA ARG A 30 0.62 3.39 1.35
C ARG A 30 0.00 3.35 2.74
N ALA A 31 -1.32 3.53 2.81
CA ALA A 31 -2.04 3.51 4.08
C ALA A 31 -2.46 2.09 4.44
N ASN A 32 -3.18 1.44 3.56
CA ASN A 32 -3.64 0.07 3.79
C ASN A 32 -2.51 -0.93 3.56
N CYS A 33 -1.42 -0.46 2.98
CA CYS A 33 -0.27 -1.31 2.71
C CYS A 33 1.04 -0.57 2.98
N LYS A 34 1.24 -0.19 4.23
CA LYS A 34 2.46 0.53 4.63
C LYS A 34 3.70 -0.32 4.38
N LYS A 35 3.50 -1.63 4.26
CA LYS A 35 4.60 -2.56 4.03
C LYS A 35 4.76 -2.85 2.54
N THR A 36 3.68 -3.29 1.90
CA THR A 36 3.69 -3.60 0.48
C THR A 36 4.30 -2.44 -0.32
N CYS A 37 4.12 -1.23 0.17
CA CYS A 37 4.65 -0.04 -0.50
C CYS A 37 6.08 0.24 -0.06
N GLY A 38 6.40 -0.13 1.17
CA GLY A 38 7.75 0.09 1.70
C GLY A 38 7.86 1.38 2.47
N LEU A 39 7.38 1.37 3.72
CA LEU A 39 7.43 2.55 4.57
C LEU A 39 8.00 2.20 5.94
N CYS A 40 8.47 0.96 6.09
CA CYS A 40 9.04 0.51 7.35
C CYS A 40 10.38 1.19 7.62
N ALA A 1 5.30 3.13 15.66
CA ALA A 1 4.86 3.10 14.28
C ALA A 1 5.14 1.75 13.63
N ALA A 2 4.22 0.80 13.83
CA ALA A 2 4.37 -0.54 13.27
C ALA A 2 4.06 -0.55 11.78
N CYS A 3 4.96 -1.13 10.99
CA CYS A 3 4.79 -1.20 9.55
C CYS A 3 4.29 -2.58 9.13
N SER A 4 3.21 -2.60 8.35
CA SER A 4 2.64 -3.86 7.88
C SER A 4 1.46 -3.60 6.95
N ASP A 5 0.80 -4.67 6.52
CA ASP A 5 -0.34 -4.57 5.63
C ASP A 5 -1.65 -4.71 6.40
N ARG A 6 -2.56 -3.76 6.20
CA ARG A 6 -3.85 -3.78 6.88
C ARG A 6 -4.98 -4.02 5.90
N ALA A 7 -4.75 -3.65 4.63
CA ALA A 7 -5.75 -3.82 3.59
C ALA A 7 -6.25 -5.26 3.54
N HIS A 8 -7.21 -5.52 2.66
CA HIS A 8 -7.78 -6.86 2.52
C HIS A 8 -6.68 -7.88 2.28
N GLY A 9 -5.55 -7.43 1.73
CA GLY A 9 -4.44 -8.33 1.47
C GLY A 9 -4.12 -8.42 -0.01
N HIS A 10 -5.10 -8.85 -0.80
CA HIS A 10 -4.91 -8.98 -2.24
C HIS A 10 -4.89 -7.61 -2.93
N ILE A 11 -5.36 -6.60 -2.21
CA ILE A 11 -5.40 -5.24 -2.75
C ILE A 11 -3.99 -4.68 -2.91
N CYS A 12 -3.19 -4.82 -1.86
CA CYS A 12 -1.81 -4.32 -1.89
C CYS A 12 -1.05 -4.90 -3.07
N GLU A 13 -1.14 -6.22 -3.24
CA GLU A 13 -0.46 -6.89 -4.34
C GLU A 13 -1.12 -6.58 -5.67
N SER A 14 -2.44 -6.58 -5.68
CA SER A 14 -3.20 -6.30 -6.90
C SER A 14 -2.75 -4.99 -7.53
N PHE A 15 -2.36 -4.04 -6.69
CA PHE A 15 -1.90 -2.73 -7.16
C PHE A 15 -0.67 -2.28 -6.39
N LYS A 16 0.29 -3.18 -6.22
CA LYS A 16 1.52 -2.87 -5.50
C LYS A 16 2.40 -1.91 -6.30
N SER A 17 2.29 -2.00 -7.63
CA SER A 17 3.08 -1.14 -8.51
C SER A 17 2.53 0.28 -8.53
N PHE A 18 1.31 0.43 -8.02
CA PHE A 18 0.67 1.75 -7.97
C PHE A 18 0.96 2.45 -6.64
N CYS A 19 1.86 1.87 -5.86
CA CYS A 19 2.23 2.43 -4.57
C CYS A 19 2.88 3.80 -4.74
N LYS A 20 3.50 4.01 -5.89
CA LYS A 20 4.17 5.27 -6.18
C LYS A 20 3.25 6.21 -6.96
N ASP A 21 1.95 5.93 -6.91
CA ASP A 21 0.97 6.75 -7.61
C ASP A 21 0.65 8.02 -6.82
N SER A 22 0.51 9.14 -7.53
CA SER A 22 0.22 10.42 -6.89
C SER A 22 -1.27 10.53 -6.56
N GLY A 23 -2.09 9.75 -7.27
CA GLY A 23 -3.53 9.78 -7.04
C GLY A 23 -3.91 9.13 -5.73
N ARG A 24 -5.20 9.14 -5.43
CA ARG A 24 -5.71 8.53 -4.20
C ARG A 24 -5.29 7.07 -4.10
N ASN A 25 -5.33 6.37 -5.23
CA ASN A 25 -4.96 4.96 -5.27
C ASN A 25 -3.61 4.74 -4.61
N GLY A 26 -2.65 5.61 -4.93
CA GLY A 26 -1.32 5.48 -4.37
C GLY A 26 -1.29 5.78 -2.89
N VAL A 27 -1.93 6.87 -2.48
CA VAL A 27 -1.97 7.27 -1.08
C VAL A 27 -2.58 6.16 -0.22
N LYS A 28 -3.72 5.62 -0.67
CA LYS A 28 -4.39 4.56 0.05
C LYS A 28 -3.54 3.30 0.11
N LEU A 29 -2.69 3.11 -0.90
CA LEU A 29 -1.82 1.95 -0.96
C LEU A 29 -0.73 2.03 0.11
N ARG A 30 -0.11 3.20 0.23
CA ARG A 30 0.94 3.41 1.22
C ARG A 30 0.37 3.39 2.63
N ALA A 31 -0.94 3.56 2.74
CA ALA A 31 -1.62 3.58 4.03
C ALA A 31 -2.09 2.18 4.41
N ASN A 32 -2.88 1.57 3.53
CA ASN A 32 -3.39 0.23 3.79
C ASN A 32 -2.33 -0.83 3.56
N CYS A 33 -1.22 -0.42 2.94
CA CYS A 33 -0.11 -1.33 2.66
C CYS A 33 1.22 -0.64 2.91
N LYS A 34 1.46 -0.23 4.15
CA LYS A 34 2.70 0.44 4.51
C LYS A 34 3.90 -0.47 4.26
N LYS A 35 3.63 -1.76 4.15
CA LYS A 35 4.69 -2.73 3.90
C LYS A 35 4.85 -3.01 2.41
N THR A 36 3.76 -3.41 1.77
CA THR A 36 3.77 -3.69 0.34
C THR A 36 4.38 -2.54 -0.45
N CYS A 37 4.25 -1.33 0.08
CA CYS A 37 4.79 -0.14 -0.57
C CYS A 37 6.22 0.13 -0.12
N GLY A 38 6.54 -0.28 1.11
CA GLY A 38 7.87 -0.08 1.64
C GLY A 38 8.00 1.23 2.42
N LEU A 39 7.53 1.20 3.66
CA LEU A 39 7.59 2.39 4.52
C LEU A 39 8.12 2.04 5.89
N CYS A 40 8.55 0.79 6.06
CA CYS A 40 9.09 0.32 7.33
C CYS A 40 10.43 0.97 7.63
N ALA A 1 4.67 3.34 14.79
CA ALA A 1 4.56 3.18 13.35
C ALA A 1 4.48 1.71 12.95
N ALA A 2 3.31 1.12 13.12
CA ALA A 2 3.10 -0.29 12.78
C ALA A 2 3.43 -0.56 11.32
N CYS A 3 4.50 -1.31 11.08
CA CYS A 3 4.92 -1.64 9.72
C CYS A 3 4.37 -2.99 9.30
N SER A 4 3.34 -2.98 8.46
CA SER A 4 2.72 -4.21 7.97
C SER A 4 1.55 -3.89 7.06
N ASP A 5 0.87 -4.94 6.59
CA ASP A 5 -0.27 -4.79 5.70
C ASP A 5 -1.58 -4.91 6.47
N ARG A 6 -2.52 -4.01 6.19
CA ARG A 6 -3.81 -4.01 6.86
C ARG A 6 -4.94 -4.23 5.86
N ALA A 7 -4.70 -3.83 4.61
CA ALA A 7 -5.70 -3.99 3.56
C ALA A 7 -6.19 -5.43 3.48
N HIS A 8 -7.18 -5.67 2.62
CA HIS A 8 -7.74 -7.00 2.46
C HIS A 8 -6.64 -8.02 2.18
N GLY A 9 -5.53 -7.55 1.60
CA GLY A 9 -4.43 -8.43 1.29
C GLY A 9 -4.13 -8.49 -0.20
N HIS A 10 -5.14 -8.87 -0.98
CA HIS A 10 -4.99 -8.97 -2.43
C HIS A 10 -4.98 -7.58 -3.07
N ILE A 11 -5.51 -6.60 -2.35
CA ILE A 11 -5.55 -5.23 -2.85
C ILE A 11 -4.15 -4.65 -3.01
N CYS A 12 -3.32 -4.84 -1.99
CA CYS A 12 -1.95 -4.33 -2.02
C CYS A 12 -1.20 -4.87 -3.23
N GLU A 13 -1.26 -6.18 -3.43
CA GLU A 13 -0.59 -6.83 -4.55
C GLU A 13 -1.27 -6.46 -5.87
N SER A 14 -2.60 -6.44 -5.86
CA SER A 14 -3.36 -6.11 -7.06
C SER A 14 -2.95 -4.75 -7.61
N PHE A 15 -2.67 -3.81 -6.71
CA PHE A 15 -2.26 -2.47 -7.10
C PHE A 15 -0.96 -2.07 -6.42
N LYS A 16 -0.02 -3.01 -6.35
CA LYS A 16 1.26 -2.75 -5.71
C LYS A 16 2.11 -1.79 -6.55
N SER A 17 1.92 -1.85 -7.86
CA SER A 17 2.67 -0.98 -8.78
C SER A 17 2.16 0.45 -8.70
N PHE A 18 0.97 0.62 -8.12
CA PHE A 18 0.36 1.94 -8.00
C PHE A 18 0.68 2.55 -6.64
N CYS A 19 1.64 1.96 -5.93
CA CYS A 19 2.05 2.45 -4.62
C CYS A 19 2.79 3.77 -4.75
N LYS A 20 3.36 4.02 -5.92
CA LYS A 20 4.11 5.25 -6.16
C LYS A 20 3.24 6.27 -6.90
N ASP A 21 1.93 6.06 -6.86
CA ASP A 21 0.99 6.96 -7.54
C ASP A 21 0.74 8.20 -6.68
N SER A 22 0.63 9.35 -7.34
CA SER A 22 0.40 10.61 -6.64
C SER A 22 -1.08 10.76 -6.29
N GLY A 23 -1.92 10.01 -6.98
CA GLY A 23 -3.35 10.08 -6.73
C GLY A 23 -3.76 9.38 -5.45
N ARG A 24 -5.04 9.44 -5.13
CA ARG A 24 -5.54 8.82 -3.91
C ARG A 24 -5.20 7.33 -3.87
N ASN A 25 -5.23 6.69 -5.03
CA ASN A 25 -4.91 5.27 -5.13
C ASN A 25 -3.55 4.96 -4.50
N GLY A 26 -2.57 5.80 -4.80
CA GLY A 26 -1.24 5.60 -4.24
C GLY A 26 -1.19 5.84 -2.75
N VAL A 27 -1.75 6.96 -2.31
CA VAL A 27 -1.78 7.31 -0.89
C VAL A 27 -2.48 6.23 -0.07
N LYS A 28 -3.64 5.79 -0.55
CA LYS A 28 -4.41 4.76 0.13
C LYS A 28 -3.66 3.44 0.14
N LEU A 29 -2.80 3.25 -0.84
CA LEU A 29 -2.00 2.03 -0.95
C LEU A 29 -0.91 1.99 0.12
N ARG A 30 -0.19 3.10 0.26
CA ARG A 30 0.89 3.19 1.23
C ARG A 30 0.33 3.15 2.66
N ALA A 31 -0.97 3.40 2.78
CA ALA A 31 -1.62 3.39 4.08
C ALA A 31 -2.11 1.99 4.45
N ASN A 32 -2.92 1.41 3.57
CA ASN A 32 -3.47 0.07 3.79
C ASN A 32 -2.42 -0.99 3.49
N CYS A 33 -1.31 -0.58 2.91
CA CYS A 33 -0.22 -1.49 2.56
C CYS A 33 1.14 -0.86 2.84
N LYS A 34 1.37 -0.49 4.09
CA LYS A 34 2.63 0.12 4.48
C LYS A 34 3.80 -0.82 4.22
N LYS A 35 3.50 -2.11 4.08
CA LYS A 35 4.52 -3.11 3.83
C LYS A 35 4.70 -3.34 2.33
N THR A 36 3.61 -3.70 1.66
CA THR A 36 3.65 -3.94 0.22
C THR A 36 4.35 -2.81 -0.52
N CYS A 37 3.97 -1.57 -0.19
CA CYS A 37 4.56 -0.40 -0.82
C CYS A 37 6.00 -0.21 -0.37
N GLY A 38 6.30 -0.67 0.84
CA GLY A 38 7.64 -0.54 1.37
C GLY A 38 7.90 0.83 1.96
N LEU A 39 7.53 1.00 3.23
CA LEU A 39 7.72 2.27 3.92
C LEU A 39 8.51 2.08 5.21
N CYS A 40 8.83 0.83 5.51
CA CYS A 40 9.58 0.50 6.73
C CYS A 40 11.04 0.93 6.59
N ALA A 1 2.50 2.93 15.70
CA ALA A 1 2.03 1.95 14.73
C ALA A 1 3.18 1.41 13.89
N ALA A 2 3.34 0.09 13.90
CA ALA A 2 4.40 -0.56 13.14
C ALA A 2 4.08 -0.55 11.65
N CYS A 3 5.00 -1.09 10.85
CA CYS A 3 4.82 -1.14 9.40
C CYS A 3 4.39 -2.53 8.96
N SER A 4 3.29 -2.59 8.20
CA SER A 4 2.77 -3.86 7.72
C SER A 4 1.58 -3.64 6.79
N ASP A 5 0.94 -4.73 6.38
CA ASP A 5 -0.21 -4.65 5.49
C ASP A 5 -1.51 -4.82 6.28
N ARG A 6 -2.45 -3.90 6.08
CA ARG A 6 -3.73 -3.95 6.76
C ARG A 6 -4.87 -4.20 5.78
N ALA A 7 -4.65 -3.84 4.52
CA ALA A 7 -5.65 -4.02 3.48
C ALA A 7 -6.13 -5.48 3.44
N HIS A 8 -7.10 -5.74 2.58
CA HIS A 8 -7.64 -7.10 2.44
C HIS A 8 -6.53 -8.11 2.22
N GLY A 9 -5.41 -7.64 1.65
CA GLY A 9 -4.28 -8.53 1.39
C GLY A 9 -3.95 -8.61 -0.07
N HIS A 10 -4.91 -9.05 -0.89
CA HIS A 10 -4.71 -9.18 -2.32
C HIS A 10 -4.70 -7.81 -2.99
N ILE A 11 -5.23 -6.81 -2.30
CA ILE A 11 -5.29 -5.46 -2.83
C ILE A 11 -3.89 -4.87 -3.00
N CYS A 12 -3.07 -4.99 -1.95
CA CYS A 12 -1.71 -4.48 -1.97
C CYS A 12 -0.93 -5.06 -3.16
N GLU A 13 -0.96 -6.38 -3.29
CA GLU A 13 -0.26 -7.06 -4.37
C GLU A 13 -0.90 -6.74 -5.72
N SER A 14 -2.23 -6.76 -5.75
CA SER A 14 -2.97 -6.48 -6.98
C SER A 14 -2.52 -5.16 -7.59
N PHE A 15 -2.34 -4.15 -6.75
CA PHE A 15 -1.92 -2.83 -7.20
C PHE A 15 -0.66 -2.37 -6.45
N LYS A 16 0.31 -3.28 -6.33
CA LYS A 16 1.56 -2.98 -5.64
C LYS A 16 2.39 -2.00 -6.45
N SER A 17 2.31 -2.08 -7.77
CA SER A 17 3.06 -1.20 -8.66
C SER A 17 2.45 0.19 -8.68
N PHE A 18 1.22 0.30 -8.16
CA PHE A 18 0.53 1.58 -8.12
C PHE A 18 0.80 2.31 -6.81
N CYS A 19 1.73 1.78 -6.03
CA CYS A 19 2.09 2.38 -4.75
C CYS A 19 2.71 3.76 -4.94
N LYS A 20 3.31 3.96 -6.11
CA LYS A 20 3.95 5.24 -6.43
C LYS A 20 2.99 6.14 -7.20
N ASP A 21 1.69 5.85 -7.10
CA ASP A 21 0.67 6.64 -7.78
C ASP A 21 0.36 7.91 -7.01
N SER A 22 0.20 9.02 -7.73
CA SER A 22 -0.09 10.30 -7.12
C SER A 22 -1.58 10.41 -6.77
N GLY A 23 -2.39 9.59 -7.42
CA GLY A 23 -3.82 9.61 -7.17
C GLY A 23 -4.18 8.94 -5.85
N ARG A 24 -5.48 8.91 -5.54
CA ARG A 24 -5.95 8.30 -4.30
C ARG A 24 -5.51 6.85 -4.21
N ASN A 25 -5.54 6.15 -5.33
CA ASN A 25 -5.13 4.75 -5.37
C ASN A 25 -3.76 4.55 -4.74
N GLY A 26 -2.84 5.45 -5.06
CA GLY A 26 -1.50 5.37 -4.50
C GLY A 26 -1.46 5.66 -3.02
N VAL A 27 -2.13 6.74 -2.62
CA VAL A 27 -2.18 7.13 -1.21
C VAL A 27 -2.75 6.02 -0.34
N LYS A 28 -3.87 5.45 -0.78
CA LYS A 28 -4.52 4.37 -0.06
C LYS A 28 -3.63 3.13 0.00
N LEU A 29 -2.79 2.97 -1.02
CA LEU A 29 -1.89 1.82 -1.09
C LEU A 29 -0.80 1.92 -0.02
N ARG A 30 -0.20 3.10 0.09
CA ARG A 30 0.86 3.33 1.06
C ARG A 30 0.30 3.31 2.48
N ALA A 31 -1.02 3.46 2.59
CA ALA A 31 -1.68 3.45 3.89
C ALA A 31 -2.12 2.05 4.29
N ASN A 32 -2.90 1.41 3.41
CA ASN A 32 -3.40 0.07 3.67
C ASN A 32 -2.30 -0.96 3.44
N CYS A 33 -1.21 -0.53 2.82
CA CYS A 33 -0.09 -1.41 2.54
C CYS A 33 1.25 -0.70 2.77
N LYS A 34 1.48 -0.28 4.00
CA LYS A 34 2.71 0.42 4.35
C LYS A 34 3.93 -0.46 4.09
N LYS A 35 3.70 -1.76 3.98
CA LYS A 35 4.78 -2.71 3.72
C LYS A 35 4.92 -2.97 2.22
N THR A 36 3.83 -3.40 1.59
CA THR A 36 3.84 -3.69 0.17
C THR A 36 4.41 -2.52 -0.63
N CYS A 37 4.26 -1.32 -0.09
CA CYS A 37 4.76 -0.12 -0.76
C CYS A 37 6.19 0.19 -0.31
N GLY A 38 6.51 -0.21 0.92
CA GLY A 38 7.85 0.04 1.44
C GLY A 38 7.95 1.34 2.21
N LEU A 39 7.50 1.32 3.46
CA LEU A 39 7.53 2.51 4.30
C LEU A 39 8.09 2.19 5.68
N CYS A 40 8.54 0.95 5.85
CA CYS A 40 9.11 0.50 7.13
C CYS A 40 10.45 1.17 7.38
N ALA A 1 5.36 3.46 15.29
CA ALA A 1 4.55 3.18 14.12
C ALA A 1 5.03 1.90 13.42
N ALA A 2 4.31 0.81 13.67
CA ALA A 2 4.66 -0.47 13.06
C ALA A 2 4.32 -0.49 11.57
N CYS A 3 5.15 -1.17 10.79
CA CYS A 3 4.94 -1.26 9.35
C CYS A 3 4.42 -2.64 8.97
N SER A 4 3.37 -2.66 8.16
CA SER A 4 2.77 -3.92 7.72
C SER A 4 1.57 -3.67 6.81
N ASP A 5 0.92 -4.74 6.39
CA ASP A 5 -0.24 -4.63 5.51
C ASP A 5 -1.53 -4.78 6.31
N ARG A 6 -2.48 -3.88 6.07
CA ARG A 6 -3.77 -3.91 6.77
C ARG A 6 -4.91 -4.14 5.79
N ALA A 7 -4.68 -3.80 4.53
CA ALA A 7 -5.69 -3.97 3.49
C ALA A 7 -6.19 -5.41 3.44
N HIS A 8 -7.14 -5.67 2.55
CA HIS A 8 -7.71 -7.01 2.41
C HIS A 8 -6.62 -8.03 2.11
N GLY A 9 -5.49 -7.56 1.58
CA GLY A 9 -4.38 -8.43 1.26
C GLY A 9 -4.06 -8.45 -0.22
N HIS A 10 -5.00 -8.93 -1.02
CA HIS A 10 -4.81 -8.99 -2.47
C HIS A 10 -4.81 -7.60 -3.08
N ILE A 11 -5.33 -6.63 -2.33
CA ILE A 11 -5.40 -5.25 -2.80
C ILE A 11 -4.00 -4.67 -2.97
N CYS A 12 -3.17 -4.83 -1.95
CA CYS A 12 -1.79 -4.32 -1.98
C CYS A 12 -1.05 -4.86 -3.19
N GLU A 13 -1.06 -6.18 -3.36
CA GLU A 13 -0.39 -6.82 -4.48
C GLU A 13 -1.04 -6.44 -5.81
N SER A 14 -2.37 -6.44 -5.82
CA SER A 14 -3.12 -6.11 -7.02
C SER A 14 -2.65 -4.77 -7.60
N PHE A 15 -2.44 -3.79 -6.73
CA PHE A 15 -1.99 -2.47 -7.14
C PHE A 15 -0.73 -2.06 -6.38
N LYS A 16 0.23 -2.98 -6.29
CA LYS A 16 1.48 -2.72 -5.59
C LYS A 16 2.34 -1.72 -6.37
N SER A 17 2.26 -1.79 -7.70
CA SER A 17 3.03 -0.89 -8.55
C SER A 17 2.40 0.50 -8.58
N PHE A 18 1.20 0.62 -8.02
CA PHE A 18 0.50 1.90 -7.98
C PHE A 18 0.79 2.64 -6.68
N CYS A 19 1.67 2.07 -5.87
CA CYS A 19 2.05 2.67 -4.60
C CYS A 19 2.74 4.01 -4.83
N LYS A 20 3.43 4.14 -5.95
CA LYS A 20 4.14 5.37 -6.29
C LYS A 20 3.27 6.28 -7.16
N ASP A 21 1.97 6.03 -7.14
CA ASP A 21 1.03 6.83 -7.93
C ASP A 21 0.72 8.14 -7.22
N SER A 22 0.86 9.24 -7.96
CA SER A 22 0.60 10.57 -7.40
C SER A 22 -0.90 10.87 -7.41
N GLY A 23 -1.67 9.99 -6.78
CA GLY A 23 -3.11 10.18 -6.72
C GLY A 23 -3.73 9.59 -5.48
N ARG A 24 -5.04 9.42 -5.49
CA ARG A 24 -5.75 8.86 -4.35
C ARG A 24 -5.43 7.38 -4.17
N ASN A 25 -5.22 6.69 -5.29
CA ASN A 25 -4.89 5.27 -5.27
C ASN A 25 -3.54 5.03 -4.57
N GLY A 26 -2.59 5.92 -4.84
CA GLY A 26 -1.28 5.79 -4.23
C GLY A 26 -1.30 6.02 -2.74
N VAL A 27 -1.93 7.11 -2.31
CA VAL A 27 -2.02 7.45 -0.90
C VAL A 27 -2.70 6.33 -0.11
N LYS A 28 -3.82 5.85 -0.64
CA LYS A 28 -4.58 4.78 0.01
C LYS A 28 -3.76 3.49 0.04
N LEU A 29 -2.85 3.34 -0.91
CA LEU A 29 -2.01 2.16 -0.99
C LEU A 29 -0.94 2.17 0.12
N ARG A 30 -0.29 3.31 0.29
CA ARG A 30 0.75 3.45 1.30
C ARG A 30 0.14 3.39 2.71
N ALA A 31 -1.17 3.57 2.78
CA ALA A 31 -1.87 3.54 4.06
C ALA A 31 -2.31 2.11 4.41
N ASN A 32 -3.05 1.49 3.50
CA ASN A 32 -3.54 0.14 3.71
C ASN A 32 -2.43 -0.89 3.46
N CYS A 33 -1.33 -0.43 2.87
CA CYS A 33 -0.20 -1.29 2.58
C CYS A 33 1.12 -0.57 2.82
N LYS A 34 1.38 -0.23 4.08
CA LYS A 34 2.61 0.48 4.44
C LYS A 34 3.83 -0.39 4.16
N LYS A 35 3.61 -1.70 4.03
CA LYS A 35 4.69 -2.64 3.75
C LYS A 35 4.84 -2.88 2.26
N THR A 36 3.75 -3.31 1.62
CA THR A 36 3.76 -3.58 0.19
C THR A 36 4.33 -2.40 -0.59
N CYS A 37 4.14 -1.20 -0.05
CA CYS A 37 4.63 0.02 -0.69
C CYS A 37 6.07 0.29 -0.29
N GLY A 38 6.43 -0.10 0.93
CA GLY A 38 7.78 0.12 1.41
C GLY A 38 7.91 1.38 2.25
N LEU A 39 7.48 1.30 3.50
CA LEU A 39 7.55 2.44 4.41
C LEU A 39 8.12 2.04 5.75
N CYS A 40 8.58 0.80 5.86
CA CYS A 40 9.15 0.28 7.09
C CYS A 40 10.50 0.94 7.38
N ALA A 1 2.42 2.80 15.67
CA ALA A 1 3.20 3.15 14.51
C ALA A 1 3.83 1.91 13.88
N ALA A 2 3.12 0.80 13.93
CA ALA A 2 3.60 -0.45 13.37
C ALA A 2 3.45 -0.48 11.85
N CYS A 3 4.52 -0.85 11.16
CA CYS A 3 4.50 -0.91 9.70
C CYS A 3 4.16 -2.31 9.22
N SER A 4 3.13 -2.42 8.39
CA SER A 4 2.70 -3.70 7.85
C SER A 4 1.49 -3.55 6.94
N ASP A 5 0.98 -4.66 6.43
CA ASP A 5 -0.17 -4.65 5.54
C ASP A 5 -1.47 -4.80 6.34
N ARG A 6 -2.43 -3.92 6.05
CA ARG A 6 -3.71 -3.95 6.73
C ARG A 6 -4.85 -4.22 5.75
N ALA A 7 -4.62 -3.89 4.48
CA ALA A 7 -5.61 -4.09 3.44
C ALA A 7 -6.09 -5.54 3.41
N HIS A 8 -7.05 -5.83 2.54
CA HIS A 8 -7.59 -7.18 2.41
C HIS A 8 -6.48 -8.18 2.11
N GLY A 9 -5.38 -7.69 1.55
CA GLY A 9 -4.27 -8.56 1.22
C GLY A 9 -3.99 -8.59 -0.28
N HIS A 10 -4.96 -9.06 -1.05
CA HIS A 10 -4.82 -9.14 -2.50
C HIS A 10 -4.85 -7.75 -3.13
N ILE A 11 -5.35 -6.78 -2.37
CA ILE A 11 -5.43 -5.40 -2.86
C ILE A 11 -4.05 -4.80 -3.05
N CYS A 12 -3.17 -5.04 -2.08
CA CYS A 12 -1.81 -4.51 -2.14
C CYS A 12 -1.07 -5.06 -3.35
N GLU A 13 -1.12 -6.38 -3.53
CA GLU A 13 -0.45 -7.02 -4.65
C GLU A 13 -1.14 -6.66 -5.97
N SER A 14 -2.46 -6.74 -5.98
CA SER A 14 -3.24 -6.44 -7.17
C SER A 14 -2.84 -5.07 -7.74
N PHE A 15 -2.45 -4.16 -6.86
CA PHE A 15 -2.05 -2.82 -7.27
C PHE A 15 -0.77 -2.40 -6.56
N LYS A 16 0.20 -3.30 -6.49
CA LYS A 16 1.47 -3.02 -5.84
C LYS A 16 2.31 -2.07 -6.67
N SER A 17 2.15 -2.15 -7.99
CA SER A 17 2.90 -1.28 -8.89
C SER A 17 2.35 0.13 -8.88
N PHE A 18 1.20 0.31 -8.24
CA PHE A 18 0.56 1.61 -8.14
C PHE A 18 0.84 2.26 -6.79
N CYS A 19 1.79 1.70 -6.05
CA CYS A 19 2.15 2.23 -4.74
C CYS A 19 2.77 3.61 -4.87
N LYS A 20 3.34 3.90 -6.03
CA LYS A 20 3.97 5.19 -6.28
C LYS A 20 3.05 6.10 -7.07
N ASP A 21 1.75 5.82 -7.01
CA ASP A 21 0.76 6.61 -7.72
C ASP A 21 0.44 7.90 -6.96
N SER A 22 0.27 9.00 -7.70
CA SER A 22 -0.03 10.29 -7.08
C SER A 22 -1.52 10.39 -6.73
N GLY A 23 -2.33 9.58 -7.41
CA GLY A 23 -3.77 9.59 -7.15
C GLY A 23 -4.12 8.92 -5.85
N ARG A 24 -5.41 8.88 -5.54
CA ARG A 24 -5.89 8.26 -4.31
C ARG A 24 -5.45 6.81 -4.23
N ASN A 25 -5.47 6.12 -5.36
CA ASN A 25 -5.07 4.72 -5.42
C ASN A 25 -3.70 4.52 -4.78
N GLY A 26 -2.76 5.42 -5.09
CA GLY A 26 -1.43 5.32 -4.53
C GLY A 26 -1.39 5.60 -3.05
N VAL A 27 -2.05 6.68 -2.63
CA VAL A 27 -2.10 7.06 -1.23
C VAL A 27 -2.70 5.95 -0.38
N LYS A 28 -3.82 5.41 -0.84
CA LYS A 28 -4.50 4.34 -0.12
C LYS A 28 -3.64 3.08 -0.07
N LEU A 29 -2.79 2.92 -1.07
CA LEU A 29 -1.91 1.76 -1.16
C LEU A 29 -0.82 1.84 -0.08
N ARG A 30 -0.18 3.00 0.02
CA ARG A 30 0.88 3.20 1.00
C ARG A 30 0.31 3.21 2.42
N ALA A 31 -1.00 3.35 2.52
CA ALA A 31 -1.67 3.38 3.83
C ALA A 31 -2.16 1.98 4.22
N ASN A 32 -2.93 1.35 3.33
CA ASN A 32 -3.47 0.02 3.57
C ASN A 32 -2.40 -1.04 3.33
N CYS A 33 -1.27 -0.63 2.75
CA CYS A 33 -0.18 -1.54 2.46
C CYS A 33 1.18 -0.86 2.69
N LYS A 34 1.42 -0.45 3.92
CA LYS A 34 2.67 0.21 4.28
C LYS A 34 3.86 -0.70 4.00
N LYS A 35 3.60 -2.00 3.91
CA LYS A 35 4.65 -2.98 3.65
C LYS A 35 4.82 -3.21 2.15
N THR A 36 3.74 -3.60 1.49
CA THR A 36 3.77 -3.85 0.05
C THR A 36 4.38 -2.68 -0.70
N CYS A 37 4.25 -1.48 -0.13
CA CYS A 37 4.80 -0.28 -0.75
C CYS A 37 6.21 0.02 -0.23
N GLY A 38 6.47 -0.42 1.00
CA GLY A 38 7.77 -0.21 1.59
C GLY A 38 7.89 1.16 2.25
N LEU A 39 7.43 1.25 3.49
CA LEU A 39 7.49 2.51 4.23
C LEU A 39 8.10 2.30 5.61
N CYS A 40 8.50 1.07 5.90
CA CYS A 40 9.11 0.74 7.18
C CYS A 40 10.49 1.37 7.31
N ALA A 1 5.87 2.66 15.33
CA ALA A 1 6.20 2.55 13.91
C ALA A 1 5.88 1.15 13.38
N ALA A 2 4.69 0.66 13.70
CA ALA A 2 4.28 -0.67 13.26
C ALA A 2 3.97 -0.68 11.76
N CYS A 3 4.91 -1.18 10.97
CA CYS A 3 4.73 -1.24 9.52
C CYS A 3 4.23 -2.62 9.09
N SER A 4 3.16 -2.64 8.32
CA SER A 4 2.58 -3.89 7.83
C SER A 4 1.40 -3.62 6.90
N ASP A 5 0.75 -4.70 6.47
CA ASP A 5 -0.40 -4.58 5.57
C ASP A 5 -1.70 -4.72 6.34
N ARG A 6 -2.63 -3.79 6.10
CA ARG A 6 -3.92 -3.81 6.77
C ARG A 6 -5.05 -4.04 5.76
N ALA A 7 -4.80 -3.70 4.50
CA ALA A 7 -5.79 -3.87 3.45
C ALA A 7 -6.29 -5.31 3.40
N HIS A 8 -7.23 -5.57 2.49
CA HIS A 8 -7.79 -6.91 2.33
C HIS A 8 -6.69 -7.94 2.09
N GLY A 9 -5.56 -7.47 1.58
CA GLY A 9 -4.44 -8.37 1.31
C GLY A 9 -4.10 -8.43 -0.17
N HIS A 10 -5.06 -8.84 -0.98
CA HIS A 10 -4.85 -8.95 -2.42
C HIS A 10 -4.86 -7.57 -3.07
N ILE A 11 -5.37 -6.58 -2.36
CA ILE A 11 -5.44 -5.21 -2.87
C ILE A 11 -4.04 -4.62 -3.02
N CYS A 12 -3.22 -4.76 -1.98
CA CYS A 12 -1.86 -4.24 -2.00
C CYS A 12 -1.08 -4.82 -3.18
N GLU A 13 -1.11 -6.13 -3.32
CA GLU A 13 -0.40 -6.81 -4.41
C GLU A 13 -1.05 -6.48 -5.75
N SER A 14 -2.37 -6.52 -5.80
CA SER A 14 -3.10 -6.24 -7.03
C SER A 14 -2.65 -4.92 -7.64
N PHE A 15 -2.34 -3.95 -6.79
CA PHE A 15 -1.89 -2.65 -7.24
C PHE A 15 -0.67 -2.17 -6.44
N LYS A 16 0.30 -3.06 -6.30
CA LYS A 16 1.52 -2.74 -5.55
C LYS A 16 2.40 -1.78 -6.34
N SER A 17 2.32 -1.86 -7.66
CA SER A 17 3.12 -1.00 -8.54
C SER A 17 2.55 0.41 -8.57
N PHE A 18 1.35 0.59 -8.02
CA PHE A 18 0.70 1.89 -7.98
C PHE A 18 0.96 2.58 -6.64
N CYS A 19 1.84 2.00 -5.84
CA CYS A 19 2.17 2.56 -4.54
C CYS A 19 2.82 3.93 -4.68
N LYS A 20 3.45 4.16 -5.83
CA LYS A 20 4.12 5.42 -6.10
C LYS A 20 3.21 6.36 -6.88
N ASP A 21 1.91 6.09 -6.84
CA ASP A 21 0.92 6.91 -7.54
C ASP A 21 0.62 8.18 -6.74
N SER A 22 0.47 9.30 -7.45
CA SER A 22 0.18 10.56 -6.81
C SER A 22 -1.31 10.68 -6.49
N GLY A 23 -2.12 9.90 -7.20
CA GLY A 23 -3.56 9.94 -6.98
C GLY A 23 -3.96 9.26 -5.68
N ARG A 24 -5.26 9.23 -5.42
CA ARG A 24 -5.77 8.61 -4.20
C ARG A 24 -5.35 7.14 -4.12
N ASN A 25 -5.35 6.46 -5.26
CA ASN A 25 -4.98 5.05 -5.33
C ASN A 25 -3.63 4.83 -4.65
N GLY A 26 -2.67 5.71 -4.94
CA GLY A 26 -1.35 5.60 -4.35
C GLY A 26 -1.35 5.87 -2.86
N VAL A 27 -2.00 6.95 -2.46
CA VAL A 27 -2.07 7.32 -1.05
C VAL A 27 -2.69 6.21 -0.22
N LYS A 28 -3.80 5.67 -0.70
CA LYS A 28 -4.49 4.59 0.01
C LYS A 28 -3.62 3.33 0.06
N LEU A 29 -2.77 3.16 -0.95
CA LEU A 29 -1.89 2.00 -1.00
C LEU A 29 -0.82 2.07 0.09
N ARG A 30 -0.21 3.25 0.24
CA ARG A 30 0.82 3.44 1.25
C ARG A 30 0.22 3.41 2.66
N ALA A 31 -1.09 3.58 2.73
CA ALA A 31 -1.79 3.57 4.02
C ALA A 31 -2.26 2.17 4.38
N ASN A 32 -3.01 1.54 3.46
CA ASN A 32 -3.52 0.20 3.68
C ASN A 32 -2.43 -0.85 3.46
N CYS A 33 -1.32 -0.40 2.87
CA CYS A 33 -0.21 -1.31 2.59
C CYS A 33 1.13 -0.61 2.87
N LYS A 34 1.33 -0.21 4.12
CA LYS A 34 2.57 0.46 4.51
C LYS A 34 3.78 -0.43 4.25
N LYS A 35 3.53 -1.73 4.12
CA LYS A 35 4.60 -2.69 3.87
C LYS A 35 4.76 -2.94 2.37
N THR A 36 3.67 -3.34 1.72
CA THR A 36 3.69 -3.62 0.30
C THR A 36 4.30 -2.46 -0.49
N CYS A 37 4.18 -1.25 0.06
CA CYS A 37 4.73 -0.06 -0.58
C CYS A 37 6.16 0.19 -0.13
N GLY A 38 6.47 -0.22 1.11
CA GLY A 38 7.80 -0.02 1.63
C GLY A 38 7.93 1.26 2.43
N LEU A 39 7.45 1.23 3.66
CA LEU A 39 7.50 2.40 4.53
C LEU A 39 8.05 2.04 5.91
N CYS A 40 8.48 0.79 6.06
CA CYS A 40 9.02 0.31 7.33
C CYS A 40 10.37 0.96 7.63
N ALA A 1 2.86 3.97 14.96
CA ALA A 1 2.46 2.57 14.96
C ALA A 1 3.48 1.72 14.20
N ALA A 2 3.24 0.41 14.15
CA ALA A 2 4.13 -0.51 13.46
C ALA A 2 3.96 -0.41 11.95
N CYS A 3 4.79 -1.15 11.22
CA CYS A 3 4.74 -1.15 9.76
C CYS A 3 4.38 -2.54 9.23
N SER A 4 3.29 -2.61 8.47
CA SER A 4 2.85 -3.88 7.91
C SER A 4 1.63 -3.68 7.01
N ASP A 5 1.09 -4.77 6.50
CA ASP A 5 -0.07 -4.72 5.62
C ASP A 5 -1.36 -4.87 6.42
N ARG A 6 -2.32 -3.98 6.17
CA ARG A 6 -3.60 -4.02 6.87
C ARG A 6 -4.74 -4.27 5.89
N ALA A 7 -4.55 -3.87 4.64
CA ALA A 7 -5.56 -4.05 3.61
C ALA A 7 -6.03 -5.49 3.55
N HIS A 8 -7.06 -5.74 2.73
CA HIS A 8 -7.60 -7.08 2.59
C HIS A 8 -6.50 -8.09 2.28
N GLY A 9 -5.44 -7.62 1.62
CA GLY A 9 -4.33 -8.48 1.26
C GLY A 9 -4.07 -8.51 -0.23
N HIS A 10 -5.05 -8.99 -0.99
CA HIS A 10 -4.92 -9.07 -2.45
C HIS A 10 -4.93 -7.67 -3.07
N ILE A 11 -5.38 -6.69 -2.29
CA ILE A 11 -5.45 -5.31 -2.77
C ILE A 11 -4.05 -4.74 -2.96
N CYS A 12 -3.19 -4.94 -1.97
CA CYS A 12 -1.82 -4.44 -2.03
C CYS A 12 -1.09 -4.99 -3.25
N GLU A 13 -1.22 -6.29 -3.48
CA GLU A 13 -0.58 -6.94 -4.61
C GLU A 13 -1.27 -6.57 -5.92
N SER A 14 -2.59 -6.60 -5.91
CA SER A 14 -3.38 -6.28 -7.10
C SER A 14 -3.00 -4.90 -7.63
N PHE A 15 -2.53 -4.04 -6.74
CA PHE A 15 -2.13 -2.68 -7.10
C PHE A 15 -0.83 -2.29 -6.43
N LYS A 16 0.13 -3.23 -6.39
CA LYS A 16 1.42 -2.98 -5.77
C LYS A 16 2.26 -2.03 -6.63
N SER A 17 2.06 -2.09 -7.94
CA SER A 17 2.79 -1.24 -8.87
C SER A 17 2.29 0.19 -8.81
N PHE A 18 1.16 0.39 -8.14
CA PHE A 18 0.57 1.71 -8.01
C PHE A 18 0.90 2.32 -6.64
N CYS A 19 1.85 1.73 -5.94
CA CYS A 19 2.25 2.21 -4.63
C CYS A 19 2.89 3.59 -4.73
N LYS A 20 3.37 3.92 -5.92
CA LYS A 20 4.01 5.22 -6.15
C LYS A 20 3.08 6.15 -6.93
N ASP A 21 1.77 5.90 -6.82
CA ASP A 21 0.79 6.72 -7.50
C ASP A 21 0.52 8.01 -6.73
N SER A 22 0.35 9.11 -7.46
CA SER A 22 0.10 10.41 -6.84
C SER A 22 -1.37 10.54 -6.45
N GLY A 23 -2.22 9.76 -7.09
CA GLY A 23 -3.64 9.80 -6.78
C GLY A 23 -3.98 9.11 -5.48
N ARG A 24 -5.26 9.09 -5.13
CA ARG A 24 -5.71 8.46 -3.90
C ARG A 24 -5.29 6.99 -3.86
N ASN A 25 -5.36 6.33 -5.02
CA ASN A 25 -4.99 4.92 -5.10
C ASN A 25 -3.61 4.68 -4.51
N GLY A 26 -2.67 5.56 -4.82
CA GLY A 26 -1.32 5.43 -4.31
C GLY A 26 -1.24 5.68 -2.81
N VAL A 27 -1.85 6.77 -2.37
CA VAL A 27 -1.85 7.13 -0.96
C VAL A 27 -2.46 6.02 -0.11
N LYS A 28 -3.60 5.51 -0.54
CA LYS A 28 -4.30 4.44 0.18
C LYS A 28 -3.45 3.17 0.18
N LEU A 29 -2.64 3.00 -0.85
CA LEU A 29 -1.79 1.82 -0.97
C LEU A 29 -0.68 1.86 0.07
N ARG A 30 0.01 3.00 0.17
CA ARG A 30 1.09 3.16 1.13
C ARG A 30 0.56 3.14 2.56
N ALA A 31 -0.75 3.32 2.70
CA ALA A 31 -1.38 3.33 4.03
C ALA A 31 -1.87 1.94 4.40
N ASN A 32 -2.70 1.35 3.53
CA ASN A 32 -3.25 0.02 3.78
C ASN A 32 -2.21 -1.05 3.49
N CYS A 33 -1.11 -0.65 2.87
CA CYS A 33 -0.03 -1.58 2.54
C CYS A 33 1.34 -0.93 2.76
N LYS A 34 1.60 -0.52 4.01
CA LYS A 34 2.86 0.10 4.36
C LYS A 34 4.03 -0.83 4.07
N LYS A 35 3.73 -2.13 3.95
CA LYS A 35 4.76 -3.12 3.67
C LYS A 35 4.91 -3.34 2.17
N THR A 36 3.80 -3.69 1.51
CA THR A 36 3.81 -3.94 0.08
C THR A 36 4.44 -2.77 -0.67
N CYS A 37 4.35 -1.58 -0.09
CA CYS A 37 4.93 -0.39 -0.71
C CYS A 37 6.34 -0.13 -0.20
N GLY A 38 6.62 -0.59 1.02
CA GLY A 38 7.93 -0.41 1.60
C GLY A 38 8.09 0.95 2.26
N LEU A 39 7.65 1.06 3.51
CA LEU A 39 7.74 2.31 4.26
C LEU A 39 8.36 2.08 5.63
N CYS A 40 8.73 0.83 5.91
CA CYS A 40 9.34 0.48 7.19
C CYS A 40 10.74 1.07 7.30
N ALA A 1 4.81 3.21 15.81
CA ALA A 1 4.56 3.27 14.37
C ALA A 1 4.99 1.99 13.68
N ALA A 2 4.22 0.93 13.88
CA ALA A 2 4.52 -0.36 13.27
C ALA A 2 4.22 -0.35 11.77
N CYS A 3 5.03 -1.08 11.00
CA CYS A 3 4.84 -1.14 9.55
C CYS A 3 4.40 -2.54 9.13
N SER A 4 3.31 -2.61 8.38
CA SER A 4 2.78 -3.89 7.91
C SER A 4 1.60 -3.68 6.97
N ASP A 5 0.95 -4.77 6.59
CA ASP A 5 -0.20 -4.71 5.71
C ASP A 5 -1.50 -4.85 6.49
N ARG A 6 -2.46 -3.96 6.21
CA ARG A 6 -3.75 -3.99 6.88
C ARG A 6 -4.88 -4.25 5.90
N ALA A 7 -4.64 -3.93 4.63
CA ALA A 7 -5.64 -4.13 3.59
C ALA A 7 -6.11 -5.59 3.56
N HIS A 8 -7.05 -5.87 2.67
CA HIS A 8 -7.58 -7.22 2.53
C HIS A 8 -6.46 -8.24 2.31
N GLY A 9 -5.35 -7.77 1.78
CA GLY A 9 -4.22 -8.65 1.53
C GLY A 9 -3.86 -8.72 0.05
N HIS A 10 -4.82 -9.17 -0.76
CA HIS A 10 -4.58 -9.28 -2.20
C HIS A 10 -4.62 -7.91 -2.87
N ILE A 11 -5.19 -6.94 -2.17
CA ILE A 11 -5.29 -5.58 -2.69
C ILE A 11 -3.90 -4.96 -2.87
N CYS A 12 -3.08 -5.06 -1.82
CA CYS A 12 -1.74 -4.50 -1.85
C CYS A 12 -0.94 -5.09 -3.02
N GLU A 13 -0.92 -6.41 -3.11
CA GLU A 13 -0.19 -7.09 -4.17
C GLU A 13 -0.80 -6.79 -5.53
N SER A 14 -2.13 -6.86 -5.61
CA SER A 14 -2.84 -6.60 -6.86
C SER A 14 -2.41 -5.26 -7.45
N PHE A 15 -2.28 -4.26 -6.60
CA PHE A 15 -1.87 -2.93 -7.05
C PHE A 15 -0.63 -2.46 -6.29
N LYS A 16 0.36 -3.34 -6.18
CA LYS A 16 1.59 -3.02 -5.48
C LYS A 16 2.44 -2.03 -6.28
N SER A 17 2.36 -2.14 -7.61
CA SER A 17 3.11 -1.26 -8.49
C SER A 17 2.48 0.13 -8.55
N PHE A 18 1.28 0.24 -7.98
CA PHE A 18 0.57 1.52 -7.97
C PHE A 18 0.83 2.28 -6.67
N CYS A 19 1.75 1.75 -5.86
CA CYS A 19 2.09 2.37 -4.58
C CYS A 19 2.76 3.73 -4.81
N LYS A 20 3.38 3.89 -5.97
CA LYS A 20 4.05 5.14 -6.30
C LYS A 20 3.13 6.07 -7.10
N ASP A 21 1.83 5.81 -7.00
CA ASP A 21 0.84 6.61 -7.71
C ASP A 21 0.57 7.92 -6.96
N SER A 22 0.47 9.01 -7.72
CA SER A 22 0.22 10.33 -7.13
C SER A 22 -1.26 10.49 -6.80
N GLY A 23 -2.09 9.62 -7.36
CA GLY A 23 -3.52 9.70 -7.12
C GLY A 23 -3.93 9.03 -5.82
N ARG A 24 -5.23 9.03 -5.54
CA ARG A 24 -5.74 8.42 -4.31
C ARG A 24 -5.32 6.96 -4.21
N ASN A 25 -5.27 6.28 -5.35
CA ASN A 25 -4.89 4.88 -5.39
C ASN A 25 -3.55 4.66 -4.70
N GLY A 26 -2.59 5.52 -4.99
CA GLY A 26 -1.28 5.42 -4.39
C GLY A 26 -1.30 5.71 -2.90
N VAL A 27 -1.93 6.80 -2.52
CA VAL A 27 -2.03 7.19 -1.12
C VAL A 27 -2.70 6.11 -0.28
N LYS A 28 -3.82 5.60 -0.79
CA LYS A 28 -4.56 4.55 -0.10
C LYS A 28 -3.74 3.26 -0.02
N LEU A 29 -2.83 3.09 -0.97
CA LEU A 29 -1.98 1.91 -1.01
C LEU A 29 -0.93 1.96 0.10
N ARG A 30 -0.31 3.11 0.26
CA ARG A 30 0.73 3.29 1.28
C ARG A 30 0.12 3.24 2.67
N ALA A 31 -1.20 3.45 2.76
CA ALA A 31 -1.89 3.42 4.03
C ALA A 31 -2.31 2.00 4.40
N ASN A 32 -3.06 1.35 3.51
CA ASN A 32 -3.52 0.00 3.74
C ASN A 32 -2.40 -1.01 3.51
N CYS A 33 -1.31 -0.54 2.92
CA CYS A 33 -0.16 -1.39 2.64
C CYS A 33 1.15 -0.66 2.90
N LYS A 34 1.38 -0.30 4.16
CA LYS A 34 2.60 0.41 4.55
C LYS A 34 3.82 -0.44 4.29
N LYS A 35 3.62 -1.75 4.16
CA LYS A 35 4.71 -2.68 3.91
C LYS A 35 4.86 -2.96 2.41
N THR A 36 3.78 -3.39 1.78
CA THR A 36 3.79 -3.70 0.37
C THR A 36 4.36 -2.54 -0.45
N CYS A 37 4.20 -1.33 0.07
CA CYS A 37 4.70 -0.14 -0.60
C CYS A 37 6.14 0.16 -0.18
N GLY A 38 6.48 -0.22 1.06
CA GLY A 38 7.81 0.02 1.57
C GLY A 38 7.92 1.32 2.35
N LEU A 39 7.47 1.29 3.60
CA LEU A 39 7.52 2.47 4.45
C LEU A 39 8.10 2.13 5.82
N CYS A 40 8.54 0.89 5.98
CA CYS A 40 9.12 0.44 7.24
C CYS A 40 10.48 1.09 7.48
N ALA A 1 2.63 3.83 15.25
CA ALA A 1 1.94 2.62 14.77
C ALA A 1 2.91 1.72 14.00
N ALA A 2 2.72 0.41 14.15
CA ALA A 2 3.57 -0.57 13.48
C ALA A 2 3.39 -0.48 11.97
N CYS A 3 4.42 -0.91 11.23
CA CYS A 3 4.39 -0.88 9.78
C CYS A 3 4.11 -2.28 9.22
N SER A 4 3.05 -2.39 8.44
CA SER A 4 2.68 -3.67 7.83
C SER A 4 1.49 -3.50 6.90
N ASP A 5 0.95 -4.63 6.42
CA ASP A 5 -0.19 -4.61 5.51
C ASP A 5 -1.51 -4.74 6.29
N ARG A 6 -2.46 -3.85 5.99
CA ARG A 6 -3.75 -3.87 6.65
C ARG A 6 -4.87 -4.13 5.65
N ALA A 7 -4.62 -3.79 4.39
CA ALA A 7 -5.60 -3.98 3.33
C ALA A 7 -6.14 -5.41 3.34
N HIS A 8 -7.17 -5.65 2.54
CA HIS A 8 -7.78 -6.99 2.45
C HIS A 8 -6.73 -8.04 2.13
N GLY A 9 -5.66 -7.61 1.47
CA GLY A 9 -4.59 -8.54 1.10
C GLY A 9 -4.35 -8.58 -0.39
N HIS A 10 -5.40 -8.84 -1.16
CA HIS A 10 -5.28 -8.90 -2.61
C HIS A 10 -5.28 -7.50 -3.22
N ILE A 11 -5.41 -6.49 -2.37
CA ILE A 11 -5.42 -5.10 -2.83
C ILE A 11 -4.00 -4.59 -3.04
N CYS A 12 -3.10 -4.97 -2.14
CA CYS A 12 -1.71 -4.55 -2.23
C CYS A 12 -1.02 -5.20 -3.43
N GLU A 13 -1.20 -6.51 -3.56
CA GLU A 13 -0.60 -7.26 -4.66
C GLU A 13 -1.19 -6.82 -6.00
N SER A 14 -2.51 -6.80 -6.08
CA SER A 14 -3.19 -6.40 -7.31
C SER A 14 -2.79 -4.98 -7.72
N PHE A 15 -2.41 -4.18 -6.74
CA PHE A 15 -2.01 -2.80 -7.00
C PHE A 15 -0.62 -2.53 -6.45
N LYS A 16 0.27 -3.50 -6.60
CA LYS A 16 1.65 -3.37 -6.12
C LYS A 16 2.41 -2.33 -6.93
N SER A 17 2.24 -2.37 -8.25
CA SER A 17 2.92 -1.43 -9.14
C SER A 17 2.25 -0.06 -9.09
N PHE A 18 1.15 0.03 -8.35
CA PHE A 18 0.41 1.28 -8.21
C PHE A 18 0.82 2.02 -6.93
N CYS A 19 1.76 1.45 -6.20
CA CYS A 19 2.23 2.04 -4.96
C CYS A 19 2.88 3.40 -5.23
N LYS A 20 3.29 3.63 -6.47
CA LYS A 20 3.91 4.88 -6.86
C LYS A 20 2.94 5.77 -7.62
N ASP A 21 1.65 5.56 -7.39
CA ASP A 21 0.62 6.35 -8.06
C ASP A 21 0.44 7.70 -7.38
N SER A 22 0.39 8.76 -8.19
CA SER A 22 0.23 10.11 -7.67
C SER A 22 -1.23 10.40 -7.33
N GLY A 23 -2.09 9.42 -7.57
CA GLY A 23 -3.50 9.58 -7.29
C GLY A 23 -3.91 8.94 -5.98
N ARG A 24 -5.20 8.97 -5.68
CA ARG A 24 -5.71 8.38 -4.44
C ARG A 24 -5.31 6.92 -4.32
N ASN A 25 -5.34 6.20 -5.43
CA ASN A 25 -4.98 4.79 -5.44
C ASN A 25 -3.61 4.58 -4.81
N GLY A 26 -2.67 5.47 -5.13
CA GLY A 26 -1.34 5.36 -4.57
C GLY A 26 -1.29 5.64 -3.09
N VAL A 27 -1.93 6.74 -2.68
CA VAL A 27 -1.97 7.12 -1.27
C VAL A 27 -2.59 6.02 -0.41
N LYS A 28 -3.72 5.50 -0.87
CA LYS A 28 -4.42 4.43 -0.15
C LYS A 28 -3.57 3.16 -0.10
N LEU A 29 -2.72 3.00 -1.10
CA LEU A 29 -1.86 1.83 -1.17
C LEU A 29 -0.76 1.89 -0.12
N ARG A 30 -0.11 3.05 -0.02
CA ARG A 30 0.96 3.24 0.96
C ARG A 30 0.40 3.23 2.39
N ALA A 31 -0.91 3.39 2.50
CA ALA A 31 -1.57 3.39 3.80
C ALA A 31 -2.07 2.01 4.18
N ASN A 32 -2.85 1.41 3.27
CA ASN A 32 -3.40 0.08 3.51
C ASN A 32 -2.34 -1.00 3.28
N CYS A 33 -1.22 -0.59 2.70
CA CYS A 33 -0.13 -1.53 2.42
C CYS A 33 1.22 -0.87 2.66
N LYS A 34 1.46 -0.44 3.91
CA LYS A 34 2.71 0.21 4.26
C LYS A 34 3.90 -0.72 4.01
N LYS A 35 3.62 -2.01 3.92
CA LYS A 35 4.66 -3.00 3.68
C LYS A 35 4.87 -3.23 2.19
N THR A 36 3.80 -3.62 1.50
CA THR A 36 3.85 -3.86 0.07
C THR A 36 4.50 -2.70 -0.66
N CYS A 37 4.33 -1.50 -0.12
CA CYS A 37 4.89 -0.29 -0.72
C CYS A 37 6.29 -0.02 -0.18
N GLY A 38 6.53 -0.45 1.05
CA GLY A 38 7.84 -0.24 1.66
C GLY A 38 7.96 1.13 2.30
N LEU A 39 7.48 1.25 3.53
CA LEU A 39 7.53 2.52 4.26
C LEU A 39 8.11 2.32 5.65
N CYS A 40 8.45 1.09 5.98
CA CYS A 40 9.03 0.76 7.28
C CYS A 40 10.44 1.33 7.41
N ALA A 1 3.93 3.11 15.92
CA ALA A 1 3.59 3.12 14.50
C ALA A 1 4.38 2.06 13.73
N ALA A 2 3.97 0.80 13.89
CA ALA A 2 4.64 -0.30 13.20
C ALA A 2 4.34 -0.29 11.71
N CYS A 3 5.06 -1.11 10.96
CA CYS A 3 4.87 -1.20 9.51
C CYS A 3 4.42 -2.60 9.11
N SER A 4 3.34 -2.66 8.33
CA SER A 4 2.81 -3.94 7.87
C SER A 4 1.62 -3.72 6.94
N ASP A 5 0.99 -4.82 6.52
CA ASP A 5 -0.15 -4.76 5.63
C ASP A 5 -1.45 -4.94 6.41
N ARG A 6 -2.41 -4.05 6.16
CA ARG A 6 -3.70 -4.12 6.85
C ARG A 6 -4.83 -4.38 5.85
N ALA A 7 -4.61 -4.00 4.60
CA ALA A 7 -5.61 -4.20 3.55
C ALA A 7 -6.05 -5.66 3.50
N HIS A 8 -7.02 -5.94 2.63
CA HIS A 8 -7.53 -7.29 2.48
C HIS A 8 -6.40 -8.29 2.25
N GLY A 9 -5.31 -7.80 1.67
CA GLY A 9 -4.16 -8.66 1.41
C GLY A 9 -3.80 -8.70 -0.06
N HIS A 10 -4.70 -9.22 -0.88
CA HIS A 10 -4.46 -9.31 -2.32
C HIS A 10 -4.50 -7.93 -2.97
N ILE A 11 -5.07 -6.96 -2.25
CA ILE A 11 -5.19 -5.60 -2.76
C ILE A 11 -3.81 -4.97 -2.92
N CYS A 12 -2.99 -5.07 -1.88
CA CYS A 12 -1.64 -4.50 -1.91
C CYS A 12 -0.84 -5.07 -3.07
N GLU A 13 -0.81 -6.40 -3.17
CA GLU A 13 -0.08 -7.06 -4.25
C GLU A 13 -0.70 -6.74 -5.61
N SER A 14 -2.01 -6.81 -5.68
CA SER A 14 -2.73 -6.54 -6.93
C SER A 14 -2.30 -5.19 -7.50
N PHE A 15 -2.18 -4.19 -6.64
CA PHE A 15 -1.79 -2.86 -7.06
C PHE A 15 -0.54 -2.39 -6.31
N LYS A 16 0.44 -3.26 -6.20
CA LYS A 16 1.69 -2.95 -5.51
C LYS A 16 2.51 -1.96 -6.31
N SER A 17 2.44 -2.05 -7.63
CA SER A 17 3.19 -1.16 -8.51
C SER A 17 2.55 0.22 -8.55
N PHE A 18 1.35 0.33 -7.98
CA PHE A 18 0.63 1.60 -7.96
C PHE A 18 0.90 2.35 -6.66
N CYS A 19 1.81 1.83 -5.85
CA CYS A 19 2.16 2.45 -4.58
C CYS A 19 2.83 3.81 -4.81
N LYS A 20 3.49 3.95 -5.94
CA LYS A 20 4.17 5.20 -6.28
C LYS A 20 3.28 6.08 -7.15
N ASP A 21 1.99 5.80 -7.14
CA ASP A 21 1.03 6.57 -7.93
C ASP A 21 0.68 7.88 -7.23
N SER A 22 0.82 8.99 -7.94
CA SER A 22 0.52 10.30 -7.37
C SER A 22 -0.97 10.58 -7.42
N GLY A 23 -1.75 9.68 -6.82
CA GLY A 23 -3.20 9.84 -6.80
C GLY A 23 -3.83 9.26 -5.56
N ARG A 24 -5.15 9.04 -5.61
CA ARG A 24 -5.87 8.48 -4.48
C ARG A 24 -5.51 7.01 -4.28
N ASN A 25 -5.27 6.31 -5.38
CA ASN A 25 -4.92 4.89 -5.33
C ASN A 25 -3.58 4.69 -4.64
N GLY A 26 -2.63 5.58 -4.93
CA GLY A 26 -1.31 5.48 -4.32
C GLY A 26 -1.33 5.74 -2.83
N VAL A 27 -1.98 6.84 -2.44
CA VAL A 27 -2.07 7.20 -1.03
C VAL A 27 -2.73 6.09 -0.21
N LYS A 28 -3.85 5.58 -0.73
CA LYS A 28 -4.58 4.51 -0.05
C LYS A 28 -3.75 3.23 0.01
N LEU A 29 -2.83 3.09 -0.95
CA LEU A 29 -1.97 1.90 -1.00
C LEU A 29 -0.91 1.96 0.10
N ARG A 30 -0.28 3.12 0.26
CA ARG A 30 0.74 3.29 1.28
C ARG A 30 0.15 3.22 2.68
N ALA A 31 -1.16 3.41 2.76
CA ALA A 31 -1.86 3.37 4.04
C ALA A 31 -2.26 1.94 4.41
N ASN A 32 -3.03 1.30 3.52
CA ASN A 32 -3.47 -0.07 3.75
C ASN A 32 -2.34 -1.05 3.50
N CYS A 33 -1.26 -0.58 2.90
CA CYS A 33 -0.11 -1.42 2.60
C CYS A 33 1.20 -0.67 2.88
N LYS A 34 1.42 -0.32 4.13
CA LYS A 34 2.63 0.40 4.54
C LYS A 34 3.87 -0.46 4.28
N LYS A 35 3.67 -1.76 4.13
CA LYS A 35 4.78 -2.68 3.88
C LYS A 35 4.93 -2.95 2.39
N THR A 36 3.86 -3.39 1.76
CA THR A 36 3.87 -3.67 0.33
C THR A 36 4.44 -2.50 -0.46
N CYS A 37 4.24 -1.30 0.05
CA CYS A 37 4.75 -0.10 -0.60
C CYS A 37 6.18 0.21 -0.17
N GLY A 38 6.52 -0.18 1.06
CA GLY A 38 7.85 0.07 1.57
C GLY A 38 7.94 1.35 2.38
N LEU A 39 7.49 1.30 3.62
CA LEU A 39 7.53 2.47 4.49
C LEU A 39 8.10 2.11 5.86
N CYS A 40 8.55 0.87 6.01
CA CYS A 40 9.12 0.41 7.27
C CYS A 40 10.47 1.08 7.54
N ALA A 1 1.99 1.32 16.88
CA ALA A 1 1.70 1.62 15.48
C ALA A 1 2.85 1.19 14.57
N ALA A 2 3.06 -0.12 14.49
CA ALA A 2 4.13 -0.67 13.66
C ALA A 2 3.87 -0.39 12.18
N CYS A 3 4.77 -0.87 11.32
CA CYS A 3 4.64 -0.66 9.89
C CYS A 3 4.42 -1.99 9.17
N SER A 4 3.35 -2.07 8.39
CA SER A 4 3.03 -3.28 7.64
C SER A 4 1.75 -3.10 6.84
N ASP A 5 1.30 -4.18 6.20
CA ASP A 5 0.09 -4.14 5.39
C ASP A 5 -1.14 -4.42 6.24
N ARG A 6 -2.19 -3.63 6.04
CA ARG A 6 -3.42 -3.81 6.80
C ARG A 6 -4.60 -4.12 5.87
N ALA A 7 -4.43 -3.79 4.59
CA ALA A 7 -5.47 -4.03 3.60
C ALA A 7 -5.94 -5.49 3.64
N HIS A 8 -6.99 -5.78 2.89
CA HIS A 8 -7.53 -7.13 2.84
C HIS A 8 -6.45 -8.13 2.47
N GLY A 9 -5.42 -7.67 1.76
CA GLY A 9 -4.34 -8.53 1.36
C GLY A 9 -4.10 -8.50 -0.14
N HIS A 10 -5.07 -8.98 -0.90
CA HIS A 10 -4.95 -9.00 -2.35
C HIS A 10 -5.01 -7.59 -2.93
N ILE A 11 -5.45 -6.64 -2.11
CA ILE A 11 -5.55 -5.25 -2.54
C ILE A 11 -4.17 -4.65 -2.78
N CYS A 12 -3.22 -4.98 -1.91
CA CYS A 12 -1.86 -4.49 -2.03
C CYS A 12 -1.18 -5.06 -3.27
N GLU A 13 -1.28 -6.38 -3.44
CA GLU A 13 -0.67 -7.05 -4.58
C GLU A 13 -1.37 -6.65 -5.88
N SER A 14 -2.70 -6.61 -5.84
CA SER A 14 -3.49 -6.25 -7.02
C SER A 14 -3.06 -4.89 -7.56
N PHE A 15 -2.72 -3.98 -6.65
CA PHE A 15 -2.30 -2.64 -7.05
C PHE A 15 -0.96 -2.28 -6.39
N LYS A 16 -0.04 -3.23 -6.39
CA LYS A 16 1.29 -3.01 -5.80
C LYS A 16 2.11 -2.07 -6.67
N SER A 17 1.92 -2.14 -7.98
CA SER A 17 2.66 -1.30 -8.91
C SER A 17 2.12 0.13 -8.89
N PHE A 18 1.03 0.33 -8.18
CA PHE A 18 0.41 1.65 -8.08
C PHE A 18 0.73 2.31 -6.74
N CYS A 19 1.68 1.72 -6.02
CA CYS A 19 2.09 2.25 -4.71
C CYS A 19 2.71 3.63 -4.86
N LYS A 20 3.18 3.94 -6.07
CA LYS A 20 3.79 5.24 -6.34
C LYS A 20 2.87 6.11 -7.19
N ASP A 21 1.57 5.89 -7.05
CA ASP A 21 0.58 6.66 -7.81
C ASP A 21 0.35 8.02 -7.16
N SER A 22 0.42 9.07 -7.97
CA SER A 22 0.21 10.42 -7.48
C SER A 22 -1.28 10.74 -7.34
N GLY A 23 -1.99 9.90 -6.59
CA GLY A 23 -3.40 10.11 -6.40
C GLY A 23 -3.94 9.40 -5.17
N ARG A 24 -5.24 9.17 -5.13
CA ARG A 24 -5.87 8.49 -4.00
C ARG A 24 -5.46 7.03 -3.95
N ASN A 25 -5.45 6.37 -5.11
CA ASN A 25 -5.08 4.97 -5.21
C ASN A 25 -3.69 4.74 -4.60
N GLY A 26 -2.76 5.62 -4.93
CA GLY A 26 -1.40 5.50 -4.40
C GLY A 26 -1.33 5.76 -2.92
N VAL A 27 -1.95 6.85 -2.47
CA VAL A 27 -1.96 7.22 -1.07
C VAL A 27 -2.56 6.11 -0.22
N LYS A 28 -3.71 5.60 -0.64
CA LYS A 28 -4.39 4.53 0.08
C LYS A 28 -3.55 3.26 0.10
N LEU A 29 -2.72 3.09 -0.93
CA LEU A 29 -1.85 1.92 -1.03
C LEU A 29 -0.74 1.98 0.00
N ARG A 30 -0.09 3.13 0.10
CA ARG A 30 1.01 3.32 1.05
C ARG A 30 0.49 3.34 2.48
N ALA A 31 -0.83 3.48 2.62
CA ALA A 31 -1.46 3.51 3.94
C ALA A 31 -1.97 2.14 4.34
N ASN A 32 -2.77 1.53 3.47
CA ASN A 32 -3.33 0.21 3.73
C ASN A 32 -2.30 -0.88 3.46
N CYS A 33 -1.22 -0.51 2.78
CA CYS A 33 -0.16 -1.46 2.45
C CYS A 33 1.21 -0.81 2.61
N LYS A 34 1.53 -0.41 3.84
CA LYS A 34 2.82 0.22 4.12
C LYS A 34 3.97 -0.72 3.81
N LYS A 35 3.68 -2.02 3.83
CA LYS A 35 4.70 -3.03 3.56
C LYS A 35 4.87 -3.24 2.06
N THR A 36 3.78 -3.60 1.39
CA THR A 36 3.81 -3.83 -0.05
C THR A 36 4.45 -2.66 -0.78
N CYS A 37 4.31 -1.46 -0.21
CA CYS A 37 4.89 -0.27 -0.82
C CYS A 37 6.30 -0.03 -0.30
N GLY A 38 6.58 -0.48 0.92
CA GLY A 38 7.89 -0.31 1.50
C GLY A 38 8.08 1.06 2.12
N LEU A 39 7.58 1.22 3.35
CA LEU A 39 7.70 2.50 4.05
C LEU A 39 8.36 2.31 5.41
N CYS A 40 8.62 1.06 5.77
CA CYS A 40 9.25 0.73 7.04
C CYS A 40 10.75 1.04 7.00
N ALA A 1 6.18 2.95 16.25
CA ALA A 1 5.06 2.72 15.34
C ALA A 1 5.37 1.56 14.39
N ALA A 2 4.83 0.39 14.71
CA ALA A 2 5.04 -0.79 13.88
C ALA A 2 4.55 -0.56 12.45
N CYS A 3 5.02 -1.40 11.52
CA CYS A 3 4.65 -1.29 10.13
C CYS A 3 4.24 -2.64 9.56
N SER A 4 3.22 -2.64 8.70
CA SER A 4 2.74 -3.88 8.10
C SER A 4 1.55 -3.60 7.17
N ASP A 5 0.94 -4.66 6.67
CA ASP A 5 -0.21 -4.53 5.79
C ASP A 5 -1.51 -4.74 6.54
N ARG A 6 -2.51 -3.92 6.23
CA ARG A 6 -3.81 -4.02 6.89
C ARG A 6 -4.90 -4.34 5.88
N ALA A 7 -4.69 -3.93 4.63
CA ALA A 7 -5.67 -4.18 3.57
C ALA A 7 -6.06 -5.65 3.52
N HIS A 8 -7.04 -5.97 2.68
CA HIS A 8 -7.51 -7.34 2.54
C HIS A 8 -6.36 -8.29 2.28
N GLY A 9 -5.29 -7.77 1.67
CA GLY A 9 -4.13 -8.58 1.37
C GLY A 9 -3.84 -8.65 -0.12
N HIS A 10 -4.80 -9.13 -0.89
CA HIS A 10 -4.63 -9.24 -2.34
C HIS A 10 -4.69 -7.87 -3.00
N ILE A 11 -5.21 -6.89 -2.27
CA ILE A 11 -5.32 -5.53 -2.78
C ILE A 11 -3.95 -4.88 -2.94
N CYS A 12 -3.13 -4.99 -1.91
CA CYS A 12 -1.79 -4.42 -1.92
C CYS A 12 -0.99 -4.95 -3.11
N GLU A 13 -1.07 -6.26 -3.34
CA GLU A 13 -0.36 -6.88 -4.44
C GLU A 13 -1.03 -6.58 -5.77
N SER A 14 -2.36 -6.63 -5.78
CA SER A 14 -3.13 -6.36 -6.98
C SER A 14 -2.85 -4.96 -7.51
N PHE A 15 -2.34 -4.09 -6.64
CA PHE A 15 -2.03 -2.72 -7.02
C PHE A 15 -0.76 -2.24 -6.33
N LYS A 16 0.22 -3.14 -6.22
CA LYS A 16 1.49 -2.81 -5.58
C LYS A 16 2.31 -1.85 -6.44
N SER A 17 2.15 -1.97 -7.76
CA SER A 17 2.87 -1.11 -8.69
C SER A 17 2.30 0.29 -8.69
N PHE A 18 1.14 0.46 -8.07
CA PHE A 18 0.48 1.76 -8.00
C PHE A 18 0.76 2.44 -6.67
N CYS A 19 1.72 1.92 -5.93
CA CYS A 19 2.10 2.47 -4.64
C CYS A 19 2.77 3.83 -4.80
N LYS A 20 3.31 4.08 -5.98
CA LYS A 20 3.99 5.33 -6.27
C LYS A 20 3.08 6.28 -7.05
N ASP A 21 1.78 5.98 -7.05
CA ASP A 21 0.81 6.79 -7.74
C ASP A 21 0.44 8.03 -6.92
N SER A 22 0.38 9.18 -7.59
CA SER A 22 0.04 10.43 -6.91
C SER A 22 -1.46 10.55 -6.72
N GLY A 23 -2.20 9.57 -7.21
CA GLY A 23 -3.65 9.59 -7.09
C GLY A 23 -4.12 8.96 -5.78
N ARG A 24 -5.43 8.99 -5.57
CA ARG A 24 -6.01 8.43 -4.36
C ARG A 24 -5.59 6.98 -4.17
N ASN A 25 -5.62 6.21 -5.25
CA ASN A 25 -5.24 4.80 -5.22
C ASN A 25 -3.87 4.63 -4.56
N GLY A 26 -2.96 5.57 -4.85
CA GLY A 26 -1.63 5.49 -4.29
C GLY A 26 -1.61 5.76 -2.79
N VAL A 27 -2.30 6.81 -2.38
CA VAL A 27 -2.37 7.17 -0.97
C VAL A 27 -2.93 6.03 -0.13
N LYS A 28 -4.03 5.46 -0.60
CA LYS A 28 -4.67 4.35 0.10
C LYS A 28 -3.77 3.12 0.14
N LEU A 29 -2.92 2.99 -0.88
CA LEU A 29 -2.00 1.87 -0.96
C LEU A 29 -0.93 1.97 0.12
N ARG A 30 -0.34 3.15 0.26
CA ARG A 30 0.70 3.38 1.25
C ARG A 30 0.13 3.32 2.67
N ALA A 31 -1.19 3.44 2.77
CA ALA A 31 -1.86 3.40 4.06
C ALA A 31 -2.27 1.99 4.42
N ASN A 32 -3.05 1.35 3.53
CA ASN A 32 -3.52 -0.01 3.76
C ASN A 32 -2.39 -1.02 3.54
N CYS A 33 -1.31 -0.56 2.92
CA CYS A 33 -0.16 -1.41 2.64
C CYS A 33 1.15 -0.67 2.92
N LYS A 34 1.36 -0.31 4.18
CA LYS A 34 2.58 0.39 4.57
C LYS A 34 3.81 -0.46 4.34
N LYS A 35 3.60 -1.77 4.21
CA LYS A 35 4.70 -2.71 3.99
C LYS A 35 4.86 -3.00 2.49
N THR A 36 3.75 -3.33 1.84
CA THR A 36 3.78 -3.63 0.41
C THR A 36 4.36 -2.48 -0.39
N CYS A 37 4.14 -1.26 0.11
CA CYS A 37 4.64 -0.07 -0.57
C CYS A 37 6.08 0.22 -0.16
N GLY A 38 6.66 -0.67 0.63
CA GLY A 38 8.03 -0.50 1.08
C GLY A 38 8.26 0.87 1.70
N LEU A 39 7.63 1.11 2.83
CA LEU A 39 7.78 2.39 3.54
C LEU A 39 8.46 2.19 4.89
N CYS A 40 8.66 0.94 5.27
CA CYS A 40 9.30 0.62 6.54
C CYS A 40 10.25 -0.56 6.38
#